data_6RG0
#
_entry.id   6RG0
#
_cell.length_a   80.050
_cell.length_b   188.124
_cell.length_c   192.884
_cell.angle_alpha   90.00
_cell.angle_beta   90.00
_cell.angle_gamma   90.00
#
_symmetry.space_group_name_H-M   'C 2 2 21'
#
_entity_poly.entity_id   1
_entity_poly.type   'polypeptide(L)'
_entity_poly.pdbx_seq_one_letter_code
;MHHHHHHTDPALRAAELLLGVNIDHIATLRNARGTAYPDPVQAAFIAEQAGADGITVHLREDRRHITDRDVRILRQTLDT
RMNLEMAVTEEMLAIAVETKPHFCCLVPEKRQEVTTEGGLDVAGQRDKMRDACKRLADAGIQVSLFIDADEEQIKAAAKV
GAPFIEIHTGCYADAKTDAEQAQELARIAKAATFAASLGLKVNAGHGLTYRNVKAIAAIPEMHELNIGHAIIGRAVLTGL
KVAVAEMKRLMLEARGGLEPLRVVSLIS
;
_entity_poly.pdbx_strand_id   A,B,C,D
#
# COMPACT_ATOMS: atom_id res chain seq x y z
N ALA A 15 -10.13 25.57 11.58
CA ALA A 15 -9.61 25.14 10.29
C ALA A 15 -9.10 23.73 10.33
N GLU A 16 -8.85 23.22 11.55
CA GLU A 16 -8.35 21.87 11.89
C GLU A 16 -6.92 21.62 11.60
N LEU A 17 -6.23 21.02 12.54
CA LEU A 17 -4.83 20.82 12.30
C LEU A 17 -4.63 19.57 11.57
N LEU A 18 -3.62 19.60 10.75
CA LEU A 18 -3.27 18.54 9.90
C LEU A 18 -2.26 17.67 10.49
N LEU A 19 -2.22 16.44 10.05
CA LEU A 19 -1.19 15.49 10.44
C LEU A 19 -0.29 15.18 9.26
N GLY A 20 1.01 15.28 9.49
CA GLY A 20 2.00 14.91 8.50
C GLY A 20 2.82 13.76 9.05
N VAL A 21 2.78 12.59 8.36
CA VAL A 21 3.51 11.43 8.81
C VAL A 21 4.87 11.42 8.16
N ASN A 22 5.89 11.03 8.92
CA ASN A 22 7.30 11.00 8.50
C ASN A 22 7.79 9.56 8.33
N ILE A 23 7.90 9.10 7.07
CA ILE A 23 8.09 7.67 6.84
C ILE A 23 9.57 7.34 6.73
N ASP A 24 10.42 8.22 7.26
CA ASP A 24 11.85 7.95 7.26
C ASP A 24 12.16 6.58 7.83
N HIS A 25 11.69 6.33 9.05
CA HIS A 25 12.13 5.13 9.70
C HIS A 25 11.51 3.88 9.14
N ILE A 26 10.53 4.00 8.25
CA ILE A 26 10.13 2.83 7.47
C ILE A 26 11.22 2.44 6.48
N ALA A 27 11.77 3.41 5.79
CA ALA A 27 12.88 3.06 4.91
C ALA A 27 14.13 2.63 5.68
N THR A 28 14.15 2.78 7.00
CA THR A 28 15.27 2.21 7.76
C THR A 28 15.21 0.69 7.76
N LEU A 29 14.06 0.13 8.12
CA LEU A 29 13.87 -1.31 8.02
C LEU A 29 14.21 -1.82 6.65
N ARG A 30 13.83 -1.10 5.61
CA ARG A 30 14.09 -1.55 4.25
C ARG A 30 15.57 -1.73 4.00
N ASN A 31 16.37 -0.75 4.42
CA ASN A 31 17.77 -0.74 4.00
C ASN A 31 18.66 -1.63 4.88
N ALA A 32 18.11 -2.20 5.96
CA ALA A 32 18.91 -3.04 6.85
C ALA A 32 19.26 -4.40 6.24
N ARG A 33 18.51 -4.87 5.24
CA ARG A 33 18.99 -5.90 4.32
C ARG A 33 18.99 -5.40 2.88
N GLY A 34 18.67 -4.12 2.65
CA GLY A 34 18.75 -3.56 1.31
C GLY A 34 17.87 -4.26 0.32
N THR A 35 16.72 -4.76 0.78
CA THR A 35 15.74 -5.39 -0.10
C THR A 35 14.84 -4.28 -0.63
N ALA A 36 13.54 -4.56 -0.76
CA ALA A 36 12.56 -3.62 -1.28
C ALA A 36 11.48 -3.27 -0.27
N TYR A 37 11.21 -4.12 0.70
CA TYR A 37 10.15 -4.07 1.67
C TYR A 37 10.72 -3.76 3.06
N PRO A 38 9.95 -3.08 3.93
CA PRO A 38 8.64 -2.49 3.57
C PRO A 38 8.86 -1.29 2.65
N ASP A 39 8.03 -1.09 1.63
CA ASP A 39 8.30 -0.05 0.65
C ASP A 39 7.69 1.28 1.07
N PRO A 40 8.49 2.32 1.33
CA PRO A 40 7.92 3.61 1.73
C PRO A 40 6.83 4.11 0.82
N VAL A 41 6.84 3.73 -0.46
CA VAL A 41 5.72 4.08 -1.35
C VAL A 41 4.42 3.44 -0.88
N GLN A 42 4.50 2.19 -0.42
CA GLN A 42 3.31 1.53 0.09
C GLN A 42 2.91 2.12 1.43
N ALA A 43 3.89 2.57 2.21
CA ALA A 43 3.58 3.00 3.56
C ALA A 43 2.89 4.33 3.53
N ALA A 44 3.28 5.19 2.59
CA ALA A 44 2.59 6.48 2.50
C ALA A 44 1.12 6.28 2.13
N PHE A 45 0.83 5.41 1.16
CA PHE A 45 -0.56 5.09 0.78
C PHE A 45 -1.40 4.76 1.99
N ILE A 46 -0.92 3.82 2.79
CA ILE A 46 -1.63 3.46 4.02
C ILE A 46 -1.82 4.70 4.87
N ALA A 47 -0.73 5.39 5.18
CA ALA A 47 -0.78 6.55 6.05
C ALA A 47 -1.79 7.59 5.55
N GLU A 48 -1.73 7.93 4.25
CA GLU A 48 -2.67 8.91 3.68
C GLU A 48 -4.13 8.48 3.84
N GLN A 49 -4.42 7.19 3.68
CA GLN A 49 -5.79 6.75 3.84
C GLN A 49 -6.19 6.58 5.30
N ALA A 50 -5.29 6.81 6.24
CA ALA A 50 -5.64 6.59 7.62
C ALA A 50 -5.76 7.88 8.41
N GLY A 51 -5.55 9.03 7.78
CA GLY A 51 -5.73 10.27 8.50
C GLY A 51 -4.69 11.30 8.20
N ALA A 52 -3.64 10.90 7.51
CA ALA A 52 -2.54 11.82 7.27
C ALA A 52 -2.91 12.84 6.21
N ASP A 53 -2.47 14.07 6.42
CA ASP A 53 -2.72 15.16 5.50
C ASP A 53 -1.48 15.52 4.74
N GLY A 54 -0.43 14.72 4.86
CA GLY A 54 0.79 14.99 4.13
C GLY A 54 1.80 13.97 4.54
N ILE A 55 2.84 13.80 3.72
CA ILE A 55 3.87 12.82 3.96
C ILE A 55 5.20 13.54 3.92
N THR A 56 5.97 13.43 4.99
CA THR A 56 7.29 14.03 5.13
C THR A 56 8.36 12.97 4.91
N VAL A 57 9.44 13.31 4.19
CA VAL A 57 10.59 12.43 4.01
C VAL A 57 11.86 13.27 4.04
N HIS A 58 12.86 12.82 4.78
CA HIS A 58 14.14 13.49 4.88
C HIS A 58 15.11 12.84 3.90
N LEU A 59 15.67 13.66 3.01
CA LEU A 59 16.68 13.23 2.05
C LEU A 59 18.07 13.61 2.54
N ARG A 60 18.65 12.75 3.35
CA ARG A 60 20.02 12.93 3.77
C ARG A 60 20.94 12.69 2.58
N GLU A 61 22.13 13.29 2.61
CA GLU A 61 23.12 12.95 1.60
C GLU A 61 23.75 11.59 1.88
N ASP A 62 23.79 11.17 3.15
CA ASP A 62 24.22 9.83 3.47
C ASP A 62 23.40 8.80 2.71
N ARG A 63 22.14 9.13 2.39
CA ARG A 63 21.17 8.20 1.80
C ARG A 63 21.05 6.91 2.60
N ARG A 64 21.30 6.96 3.91
CA ARG A 64 21.23 5.72 4.67
C ARG A 64 19.83 5.12 4.64
N HIS A 65 18.80 5.96 4.55
CA HIS A 65 17.42 5.49 4.61
C HIS A 65 16.60 5.93 3.39
N ILE A 66 15.89 7.05 3.43
CA ILE A 66 15.11 7.45 2.26
C ILE A 66 16.05 7.87 1.13
N THR A 67 15.70 7.47 -0.09
CA THR A 67 16.53 7.56 -1.29
C THR A 67 15.81 8.30 -2.40
N ASP A 68 16.58 8.65 -3.44
CA ASP A 68 16.04 9.43 -4.56
C ASP A 68 14.90 8.71 -5.27
N ARG A 69 14.97 7.37 -5.34
CA ARG A 69 13.85 6.63 -5.90
C ARG A 69 12.60 6.85 -5.09
N ASP A 70 12.73 6.76 -3.75
CA ASP A 70 11.59 7.02 -2.88
C ASP A 70 10.99 8.37 -3.17
N VAL A 71 11.84 9.39 -3.34
CA VAL A 71 11.34 10.74 -3.61
C VAL A 71 10.71 10.80 -5.00
N ARG A 72 11.42 10.28 -6.01
CA ARG A 72 10.92 10.34 -7.38
C ARG A 72 9.56 9.66 -7.51
N ILE A 73 9.37 8.52 -6.85
CA ILE A 73 8.11 7.82 -6.93
C ILE A 73 7.09 8.41 -5.96
N LEU A 74 7.50 8.74 -4.73
CA LEU A 74 6.53 9.32 -3.78
C LEU A 74 5.87 10.54 -4.39
N ARG A 75 6.67 11.35 -5.10
CA ARG A 75 6.17 12.54 -5.78
C ARG A 75 5.06 12.20 -6.76
N GLN A 76 5.17 11.06 -7.44
CA GLN A 76 4.14 10.67 -8.40
C GLN A 76 2.95 9.95 -7.75
N THR A 77 3.10 9.43 -6.55
CA THR A 77 2.00 8.68 -6.02
C THR A 77 1.30 9.18 -4.83
N LEU A 78 1.64 10.33 -4.32
CA LEU A 78 0.96 10.79 -3.18
C LEU A 78 -0.31 11.41 -3.60
N ASP A 79 -1.33 11.33 -2.77
CA ASP A 79 -2.56 11.97 -3.10
C ASP A 79 -2.66 13.21 -2.32
N THR A 80 -1.69 13.40 -1.46
CA THR A 80 -1.61 14.52 -0.61
C THR A 80 -0.57 15.45 -1.11
N ARG A 81 0.43 15.66 -0.30
CA ARG A 81 1.46 16.65 -0.52
C ARG A 81 2.74 16.19 0.16
N MET A 82 3.85 16.37 -0.52
CA MET A 82 5.13 15.97 0.03
C MET A 82 5.68 17.10 0.89
N ASN A 83 6.37 16.75 1.96
CA ASN A 83 7.16 17.70 2.74
C ASN A 83 8.60 17.21 2.69
N LEU A 84 9.44 17.90 1.95
CA LEU A 84 10.80 17.41 1.72
C LEU A 84 11.73 18.02 2.77
N GLU A 85 12.11 17.23 3.78
CA GLU A 85 13.11 17.69 4.74
C GLU A 85 14.49 17.62 4.10
N MET A 86 15.26 18.70 4.15
CA MET A 86 16.57 18.73 3.53
C MET A 86 17.46 19.72 4.28
N ALA A 87 18.77 19.54 4.13
CA ALA A 87 19.71 20.51 4.66
C ALA A 87 19.98 21.56 3.58
N VAL A 88 20.13 22.82 3.99
CA VAL A 88 20.29 23.85 2.98
C VAL A 88 21.71 23.73 2.43
N THR A 89 21.80 23.03 1.30
CA THR A 89 23.05 22.68 0.68
C THR A 89 22.77 22.80 -0.81
N GLU A 90 23.80 23.07 -1.61
CA GLU A 90 23.52 23.30 -3.02
C GLU A 90 22.96 22.05 -3.68
N GLU A 91 23.50 20.89 -3.32
CA GLU A 91 22.98 19.63 -3.85
C GLU A 91 21.49 19.52 -3.61
N MET A 92 21.06 19.74 -2.36
CA MET A 92 19.66 19.58 -1.98
C MET A 92 18.79 20.70 -2.56
N LEU A 93 19.25 21.95 -2.47
CA LEU A 93 18.50 23.06 -3.07
C LEU A 93 18.20 22.77 -4.54
N ALA A 94 19.18 22.19 -5.24
CA ALA A 94 18.98 21.77 -6.62
C ALA A 94 17.89 20.72 -6.73
N ILE A 95 18.05 19.61 -6.00
CA ILE A 95 17.05 18.53 -5.96
C ILE A 95 15.67 19.07 -5.63
N ALA A 96 15.59 19.96 -4.64
CA ALA A 96 14.29 20.50 -4.23
C ALA A 96 13.55 21.04 -5.42
N VAL A 97 14.29 21.68 -6.33
CA VAL A 97 13.69 22.46 -7.40
C VAL A 97 13.10 21.57 -8.49
N GLU A 98 13.78 20.50 -8.93
CA GLU A 98 13.11 19.65 -9.91
C GLU A 98 12.00 18.86 -9.27
N THR A 99 12.12 18.60 -7.97
CA THR A 99 11.15 17.75 -7.31
C THR A 99 9.84 18.49 -7.07
N LYS A 100 9.94 19.81 -6.94
CA LYS A 100 8.78 20.67 -6.77
C LYS A 100 7.84 20.11 -5.69
N PRO A 101 8.37 19.76 -4.52
CA PRO A 101 7.49 19.32 -3.44
C PRO A 101 6.60 20.48 -3.07
N HIS A 102 5.44 20.18 -2.50
CA HIS A 102 4.58 21.28 -2.08
C HIS A 102 5.24 22.04 -0.95
N PHE A 103 5.75 21.31 0.03
CA PHE A 103 6.41 21.84 1.21
C PHE A 103 7.84 21.38 1.21
N CYS A 104 8.64 22.07 2.00
CA CYS A 104 10.06 21.87 1.97
C CYS A 104 10.60 22.42 3.27
N CYS A 105 11.14 21.55 4.13
CA CYS A 105 11.52 21.93 5.47
C CYS A 105 13.03 21.85 5.61
N LEU A 106 13.62 22.94 6.10
CA LEU A 106 15.06 23.10 6.15
C LEU A 106 15.55 22.75 7.54
N VAL A 107 16.54 21.86 7.62
CA VAL A 107 17.01 21.34 8.90
C VAL A 107 18.53 21.33 8.89
N PRO A 108 19.10 21.34 10.05
CA PRO A 108 20.52 21.33 9.97
C PRO A 108 20.99 20.02 9.51
N GLU A 109 22.26 19.92 9.31
CA GLU A 109 22.82 18.67 8.89
C GLU A 109 23.93 18.31 9.82
N LYS A 110 24.70 17.33 9.43
CA LYS A 110 25.82 17.00 10.26
C LYS A 110 26.75 18.21 10.13
N ARG A 111 27.15 18.75 11.29
CA ARG A 111 28.07 19.90 11.48
C ARG A 111 27.58 21.34 11.28
N GLN A 112 28.29 22.23 11.95
CA GLN A 112 28.11 23.69 11.98
C GLN A 112 26.97 24.33 11.22
N GLU A 113 25.75 24.13 11.67
CA GLU A 113 24.60 24.72 11.00
C GLU A 113 23.49 24.61 11.96
N VAL A 114 23.85 24.08 13.11
CA VAL A 114 22.90 23.79 14.15
C VAL A 114 23.11 24.50 15.44
N THR A 115 22.05 24.43 16.23
CA THR A 115 21.99 25.05 17.54
C THR A 115 22.18 23.97 18.60
N THR A 116 22.64 24.39 19.79
CA THR A 116 22.76 23.46 20.91
C THR A 116 21.49 22.66 21.13
N GLU A 117 20.34 23.34 21.16
CA GLU A 117 19.08 22.60 21.27
C GLU A 117 18.82 21.75 20.02
N GLY A 118 19.18 22.27 18.84
CA GLY A 118 19.19 21.45 17.64
C GLY A 118 18.34 21.93 16.49
N GLY A 119 18.01 23.17 16.46
CA GLY A 119 17.33 23.69 15.32
C GLY A 119 18.26 24.38 14.41
N LEU A 120 17.83 24.51 13.16
CA LEU A 120 18.56 25.32 12.19
C LEU A 120 18.89 26.69 12.75
N ASP A 121 20.18 27.03 12.75
CA ASP A 121 20.61 28.38 13.12
C ASP A 121 20.33 29.36 11.99
N VAL A 122 19.17 30.02 12.04
CA VAL A 122 18.83 31.01 11.04
C VAL A 122 19.49 32.34 11.35
N ALA A 123 19.37 32.78 12.60
CA ALA A 123 20.01 34.01 13.06
C ALA A 123 21.47 34.06 12.67
N GLY A 124 22.17 32.94 12.79
CA GLY A 124 23.59 32.93 12.47
C GLY A 124 23.94 32.58 11.03
N GLN A 125 22.95 32.34 10.20
CA GLN A 125 23.15 32.08 8.78
C GLN A 125 22.18 32.90 7.94
N ARG A 126 21.71 34.03 8.48
CA ARG A 126 20.71 34.92 7.88
C ARG A 126 20.74 34.92 6.36
N ASP A 127 21.92 35.12 5.76
CA ASP A 127 21.96 35.26 4.31
C ASP A 127 21.85 33.92 3.58
N LYS A 128 22.59 32.89 4.02
CA LYS A 128 22.38 31.55 3.50
C LYS A 128 20.91 31.22 3.36
N MET A 129 20.12 31.54 4.39
CA MET A 129 18.71 31.19 4.41
C MET A 129 17.91 32.10 3.50
N ARG A 130 18.20 33.41 3.52
CA ARG A 130 17.46 34.31 2.64
C ARG A 130 17.55 33.83 1.19
N ASP A 131 18.75 33.43 0.77
CA ASP A 131 18.95 32.88 -0.57
C ASP A 131 18.13 31.60 -0.73
N ALA A 132 18.38 30.62 0.14
CA ALA A 132 17.64 29.37 0.10
C ALA A 132 16.13 29.62 0.02
N CYS A 133 15.59 30.43 0.93
CA CYS A 133 14.14 30.66 0.91
C CYS A 133 13.68 31.27 -0.39
N LYS A 134 14.52 32.10 -1.01
CA LYS A 134 14.11 32.73 -2.25
C LYS A 134 14.15 31.74 -3.40
N ARG A 135 15.26 30.99 -3.51
CA ARG A 135 15.36 29.99 -4.56
C ARG A 135 14.11 29.12 -4.57
N LEU A 136 13.75 28.63 -3.38
CA LEU A 136 12.67 27.66 -3.28
C LEU A 136 11.31 28.32 -3.52
N ALA A 137 11.06 29.51 -2.96
CA ALA A 137 9.80 30.17 -3.27
C ALA A 137 9.68 30.39 -4.76
N ASP A 138 10.79 30.75 -5.40
CA ASP A 138 10.83 30.88 -6.85
C ASP A 138 10.53 29.56 -7.55
N ALA A 139 10.72 28.43 -6.86
CA ALA A 139 10.40 27.13 -7.44
C ALA A 139 8.95 26.74 -7.21
N GLY A 140 8.24 27.44 -6.35
CA GLY A 140 6.89 27.10 -6.02
C GLY A 140 6.70 26.33 -4.74
N ILE A 141 7.71 26.23 -3.90
CA ILE A 141 7.63 25.37 -2.73
C ILE A 141 7.62 26.25 -1.49
N GLN A 142 6.70 25.97 -0.58
CA GLN A 142 6.62 26.73 0.67
C GLN A 142 7.65 26.22 1.65
N VAL A 143 8.62 27.07 1.98
CA VAL A 143 9.72 26.70 2.88
C VAL A 143 9.26 26.81 4.33
N SER A 144 9.52 25.77 5.11
CA SER A 144 9.45 25.82 6.55
C SER A 144 10.86 25.81 7.13
N LEU A 145 11.10 26.60 8.19
CA LEU A 145 12.40 26.63 8.83
C LEU A 145 12.31 25.95 10.18
N PHE A 146 13.13 24.92 10.37
CA PHE A 146 13.10 24.10 11.57
C PHE A 146 14.01 24.70 12.63
N ILE A 147 13.42 25.33 13.63
CA ILE A 147 14.18 26.16 14.57
C ILE A 147 13.74 25.80 15.98
N ASP A 148 14.58 26.13 16.95
CA ASP A 148 14.15 26.12 18.34
C ASP A 148 13.17 27.27 18.58
N ALA A 149 12.56 27.29 19.74
CA ALA A 149 11.62 28.35 20.06
C ALA A 149 12.36 29.51 20.73
N ASP A 150 13.22 30.18 19.97
CA ASP A 150 13.97 31.34 20.44
C ASP A 150 13.48 32.55 19.69
N GLU A 151 13.21 33.64 20.43
CA GLU A 151 12.87 34.90 19.77
C GLU A 151 13.90 35.25 18.70
N GLU A 152 15.19 35.08 19.01
CA GLU A 152 16.24 35.37 18.04
C GLU A 152 15.97 34.63 16.73
N GLN A 153 15.85 33.30 16.81
CA GLN A 153 15.65 32.50 15.60
C GLN A 153 14.30 32.79 14.95
N ILE A 154 13.29 33.15 15.74
CA ILE A 154 12.01 33.42 15.12
C ILE A 154 12.02 34.75 14.40
N LYS A 155 12.59 35.78 15.04
CA LYS A 155 12.80 37.04 14.32
C LYS A 155 13.59 36.78 13.05
N ALA A 156 14.68 36.00 13.15
CA ALA A 156 15.44 35.63 11.96
C ALA A 156 14.55 34.94 10.93
N ALA A 157 13.79 33.93 11.36
CA ALA A 157 12.91 33.24 10.42
C ALA A 157 12.03 34.22 9.64
N ALA A 158 11.36 35.11 10.35
CA ALA A 158 10.45 36.04 9.69
C ALA A 158 11.20 36.95 8.72
N LYS A 159 12.30 37.55 9.20
CA LYS A 159 13.17 38.41 8.39
C LYS A 159 13.55 37.76 7.07
N VAL A 160 13.94 36.50 7.10
CA VAL A 160 14.44 35.80 5.91
C VAL A 160 13.35 35.43 4.92
N GLY A 161 12.09 35.56 5.28
CA GLY A 161 10.99 35.45 4.35
C GLY A 161 10.33 34.10 4.27
N ALA A 162 10.76 33.16 5.04
CA ALA A 162 10.09 31.88 5.05
C ALA A 162 8.66 32.07 5.52
N PRO A 163 7.69 31.51 4.82
CA PRO A 163 6.31 31.53 5.32
C PRO A 163 6.10 30.77 6.64
N PHE A 164 6.81 29.67 6.85
CA PHE A 164 6.58 28.72 7.92
C PHE A 164 7.80 28.57 8.81
N ILE A 165 7.55 28.21 10.06
CA ILE A 165 8.58 27.65 10.92
C ILE A 165 8.02 26.34 11.46
N GLU A 166 8.92 25.43 11.85
CA GLU A 166 8.55 24.20 12.54
C GLU A 166 9.25 24.25 13.88
N ILE A 167 8.49 24.34 14.96
CA ILE A 167 9.13 24.56 16.26
C ILE A 167 9.59 23.23 16.82
N HIS A 168 10.87 23.15 17.14
CA HIS A 168 11.50 21.90 17.56
C HIS A 168 11.05 21.58 18.97
N THR A 169 10.16 20.60 19.11
CA THR A 169 9.63 20.20 20.41
C THR A 169 10.46 19.12 21.05
N GLY A 170 11.68 18.88 20.59
CA GLY A 170 12.56 17.95 21.28
C GLY A 170 12.63 18.18 22.79
N CYS A 171 12.94 19.40 23.20
CA CYS A 171 13.10 19.65 24.63
C CYS A 171 11.83 19.30 25.40
N TYR A 172 10.66 19.59 24.83
CA TYR A 172 9.39 19.28 25.47
C TYR A 172 9.21 17.78 25.71
N ALA A 173 9.48 16.96 24.69
CA ALA A 173 9.37 15.52 24.85
C ALA A 173 10.37 14.95 25.85
N ASP A 174 11.63 15.41 25.79
CA ASP A 174 12.68 14.87 26.64
C ASP A 174 12.53 15.27 28.09
N ALA A 175 11.64 16.21 28.39
CA ALA A 175 11.54 16.77 29.73
C ALA A 175 11.23 15.68 30.75
N LYS A 176 11.97 15.70 31.86
CA LYS A 176 11.88 14.63 32.84
C LYS A 176 10.82 14.92 33.89
N THR A 177 11.00 15.97 34.68
CA THR A 177 9.98 16.23 35.68
C THR A 177 8.80 16.96 35.04
N ASP A 178 7.68 16.96 35.76
CA ASP A 178 6.50 17.67 35.25
C ASP A 178 6.74 19.18 35.21
N ALA A 179 7.49 19.70 36.19
CA ALA A 179 7.93 21.09 36.10
C ALA A 179 8.58 21.38 34.76
N GLU A 180 9.61 20.62 34.44
CA GLU A 180 10.34 20.86 33.20
C GLU A 180 9.42 20.70 32.00
N GLN A 181 8.50 19.73 32.04
CA GLN A 181 7.58 19.56 30.91
C GLN A 181 6.70 20.77 30.75
N ALA A 182 6.15 21.26 31.87
CA ALA A 182 5.28 22.44 31.78
C ALA A 182 6.06 23.67 31.35
N GLN A 183 7.29 23.85 31.83
CA GLN A 183 8.10 24.99 31.38
C GLN A 183 8.23 24.96 29.87
N GLU A 184 8.70 23.85 29.34
CA GLU A 184 8.91 23.76 27.91
C GLU A 184 7.60 23.86 27.14
N LEU A 185 6.47 23.42 27.72
CA LEU A 185 5.21 23.59 27.02
C LEU A 185 4.93 25.06 26.79
N ALA A 186 5.02 25.86 27.86
CA ALA A 186 4.70 27.28 27.79
C ALA A 186 5.64 28.01 26.88
N ARG A 187 6.92 27.64 26.92
CA ARG A 187 7.86 28.25 25.99
C ARG A 187 7.39 28.10 24.55
N ILE A 188 6.88 26.91 24.21
CA ILE A 188 6.42 26.63 22.86
C ILE A 188 5.19 27.46 22.52
N ALA A 189 4.20 27.50 23.43
CA ALA A 189 2.99 28.28 23.19
C ALA A 189 3.28 29.77 23.02
N LYS A 190 4.21 30.31 23.83
CA LYS A 190 4.52 31.74 23.70
C LYS A 190 5.25 32.00 22.39
N ALA A 191 6.16 31.11 22.03
CA ALA A 191 6.83 31.27 20.75
C ALA A 191 5.86 31.13 19.59
N ALA A 192 4.85 30.26 19.72
CA ALA A 192 3.89 30.11 18.64
C ALA A 192 3.06 31.35 18.47
N THR A 193 2.69 31.99 19.58
CA THR A 193 2.01 33.28 19.48
C THR A 193 2.91 34.33 18.85
N PHE A 194 4.11 34.52 19.42
CA PHE A 194 5.03 35.52 18.89
C PHE A 194 5.34 35.28 17.42
N ALA A 195 5.54 34.03 17.03
CA ALA A 195 5.87 33.74 15.64
C ALA A 195 4.72 34.15 14.72
N ALA A 196 3.49 33.89 15.16
CA ALA A 196 2.35 34.29 14.36
C ALA A 196 2.26 35.80 14.28
N SER A 197 2.62 36.48 15.38
CA SER A 197 2.57 37.94 15.38
C SER A 197 3.45 38.52 14.28
N LEU A 198 4.51 37.83 13.90
CA LEU A 198 5.33 38.28 12.78
C LEU A 198 4.88 37.69 11.45
N GLY A 199 3.63 37.22 11.35
CA GLY A 199 3.11 36.73 10.09
C GLY A 199 3.54 35.33 9.69
N LEU A 200 4.28 34.63 10.56
CA LEU A 200 4.68 33.25 10.32
C LEU A 200 3.57 32.27 10.67
N LYS A 201 3.42 31.23 9.85
CA LYS A 201 2.60 30.07 10.19
C LYS A 201 3.46 29.06 10.94
N VAL A 202 2.84 28.29 11.84
CA VAL A 202 3.58 27.51 12.83
C VAL A 202 3.24 26.02 12.76
N ASN A 203 4.26 25.21 12.47
CA ASN A 203 4.25 23.76 12.58
C ASN A 203 5.15 23.32 13.73
N ALA A 204 4.93 22.10 14.16
CA ALA A 204 5.72 21.52 15.23
C ALA A 204 5.74 20.02 15.03
N GLY A 205 6.64 19.36 15.74
CA GLY A 205 6.32 17.96 15.95
C GLY A 205 7.46 17.00 16.22
N HIS A 206 8.67 17.39 15.86
CA HIS A 206 9.74 16.43 16.04
C HIS A 206 9.83 16.05 17.52
N GLY A 207 9.60 14.77 17.81
CA GLY A 207 9.70 14.24 19.14
C GLY A 207 8.39 13.84 19.74
N LEU A 208 7.29 14.23 19.12
CA LEU A 208 5.95 14.06 19.68
C LEU A 208 5.54 12.59 19.77
N THR A 209 5.08 12.18 20.94
CA THR A 209 4.65 10.83 21.18
C THR A 209 3.14 10.80 21.43
N TYR A 210 2.60 9.64 21.74
CA TYR A 210 1.15 9.60 21.88
C TYR A 210 0.68 10.16 23.21
N ARG A 211 1.58 10.41 24.18
CA ARG A 211 1.27 11.18 25.40
C ARG A 211 1.67 12.65 25.36
N ASN A 212 2.62 13.05 24.48
CA ASN A 212 2.95 14.45 24.28
C ASN A 212 1.89 15.17 23.48
N VAL A 213 1.30 14.49 22.50
CA VAL A 213 0.79 15.18 21.32
C VAL A 213 -0.35 16.12 21.67
N LYS A 214 -1.13 15.79 22.69
CA LYS A 214 -2.41 16.48 22.86
C LYS A 214 -2.22 17.95 23.23
N ALA A 215 -1.35 18.22 24.19
CA ALA A 215 -1.12 19.62 24.59
C ALA A 215 -0.59 20.46 23.44
N ILE A 216 0.29 19.91 22.62
CA ILE A 216 0.83 20.69 21.52
C ILE A 216 -0.27 20.97 20.52
N ALA A 217 -1.17 20.01 20.30
CA ALA A 217 -2.23 20.19 19.32
C ALA A 217 -3.22 21.24 19.76
N ALA A 218 -3.22 21.59 21.04
CA ALA A 218 -4.20 22.55 21.51
C ALA A 218 -3.74 23.99 21.31
N ILE A 219 -2.42 24.19 21.22
CA ILE A 219 -1.81 25.45 20.80
C ILE A 219 -2.46 25.82 19.47
N PRO A 220 -3.26 26.86 19.44
CA PRO A 220 -4.11 27.08 18.26
C PRO A 220 -3.36 27.66 17.10
N GLU A 221 -2.23 28.32 17.34
CA GLU A 221 -1.40 28.76 16.22
C GLU A 221 -0.94 27.57 15.37
N MET A 222 -0.85 26.37 15.95
CA MET A 222 -0.28 25.22 15.27
C MET A 222 -1.04 24.93 13.98
N HIS A 223 -0.30 24.85 12.86
CA HIS A 223 -0.92 24.52 11.59
C HIS A 223 -0.91 23.02 11.34
N GLU A 224 0.24 22.38 11.50
CA GLU A 224 0.38 20.98 11.17
C GLU A 224 1.46 20.38 12.06
N LEU A 225 1.19 19.18 12.57
CA LEU A 225 2.14 18.42 13.37
C LEU A 225 2.80 17.37 12.48
N ASN A 226 4.11 17.44 12.33
CA ASN A 226 4.83 16.43 11.56
C ASN A 226 5.46 15.45 12.54
N ILE A 227 4.95 14.24 12.58
CA ILE A 227 5.44 13.20 13.48
C ILE A 227 5.96 12.01 12.69
N GLY A 228 7.06 11.45 13.16
CA GLY A 228 7.50 10.18 12.61
C GLY A 228 7.77 9.10 13.64
N HIS A 229 8.92 9.16 14.29
CA HIS A 229 9.44 7.99 14.95
C HIS A 229 8.44 7.33 15.90
N ALA A 230 7.54 8.08 16.48
CA ALA A 230 6.61 7.48 17.43
C ALA A 230 5.53 6.68 16.74
N ILE A 231 5.09 7.13 15.56
CA ILE A 231 4.06 6.42 14.81
C ILE A 231 4.60 5.14 14.21
N ILE A 232 5.74 5.22 13.54
CA ILE A 232 6.34 4.02 12.98
C ILE A 232 6.65 3.02 14.08
N GLY A 233 7.12 3.50 15.21
CA GLY A 233 7.31 2.61 16.35
C GLY A 233 6.05 1.86 16.72
N ARG A 234 4.92 2.54 16.77
CA ARG A 234 3.71 1.83 17.11
C ARG A 234 3.24 0.96 15.97
N ALA A 235 3.52 1.36 14.74
CA ALA A 235 3.06 0.59 13.59
C ALA A 235 3.51 -0.85 13.73
N VAL A 236 4.79 -1.04 14.08
CA VAL A 236 5.37 -2.37 14.27
C VAL A 236 4.57 -3.18 15.26
N LEU A 237 3.91 -2.52 16.19
CA LEU A 237 3.09 -3.28 17.10
C LEU A 237 1.70 -3.50 16.54
N THR A 238 1.06 -2.47 16.02
CA THR A 238 -0.36 -2.52 15.73
C THR A 238 -0.66 -2.48 14.24
N GLY A 239 0.34 -2.32 13.40
CA GLY A 239 0.06 -2.02 12.02
C GLY A 239 0.04 -0.52 11.82
N LEU A 240 0.55 -0.05 10.69
CA LEU A 240 0.70 1.38 10.43
C LEU A 240 -0.63 2.11 10.36
N LYS A 241 -1.66 1.46 9.82
CA LYS A 241 -2.96 2.12 9.68
C LYS A 241 -3.51 2.52 11.03
N VAL A 242 -3.52 1.60 11.98
CA VAL A 242 -4.03 1.92 13.31
C VAL A 242 -3.17 2.95 14.01
N ALA A 243 -1.86 3.03 13.69
CA ALA A 243 -1.00 3.98 14.39
C ALA A 243 -1.21 5.42 13.88
N VAL A 244 -1.28 5.61 12.56
CA VAL A 244 -1.69 6.89 12.00
C VAL A 244 -3.04 7.31 12.54
N ALA A 245 -4.04 6.41 12.52
CA ALA A 245 -5.38 6.80 12.92
C ALA A 245 -5.45 7.16 14.39
N GLU A 246 -4.74 6.42 15.24
CA GLU A 246 -4.68 6.74 16.67
C GLU A 246 -4.10 8.13 16.89
N MET A 247 -3.00 8.45 16.21
CA MET A 247 -2.40 9.78 16.34
C MET A 247 -3.35 10.86 15.85
N LYS A 248 -3.97 10.67 14.70
CA LYS A 248 -4.85 11.71 14.16
C LYS A 248 -6.04 11.94 15.09
N ARG A 249 -6.73 10.86 15.48
CA ARG A 249 -7.86 11.01 16.39
C ARG A 249 -7.49 11.68 17.70
N LEU A 250 -6.26 11.48 18.19
CA LEU A 250 -5.83 12.22 19.37
C LEU A 250 -5.78 13.73 19.12
N MET A 251 -5.35 14.16 17.94
CA MET A 251 -5.33 15.57 17.67
C MET A 251 -6.73 16.12 17.55
N LEU A 252 -7.63 15.42 16.84
CA LEU A 252 -8.98 15.98 16.74
C LEU A 252 -9.59 16.16 18.12
N GLU A 253 -9.28 15.24 19.05
CA GLU A 253 -9.76 15.35 20.43
C GLU A 253 -9.22 16.61 21.10
N ALA A 254 -7.93 16.89 20.90
CA ALA A 254 -7.23 17.93 21.62
C ALA A 254 -7.73 19.31 21.22
N ARG A 255 -8.69 19.36 20.31
CA ARG A 255 -8.95 20.60 19.62
C ARG A 255 -10.37 20.53 19.07
N GLY A 256 -11.34 20.24 19.93
CA GLY A 256 -12.71 20.13 19.45
C GLY A 256 -13.27 18.74 19.58
N ALA B 15 7.18 -34.74 15.00
CA ALA B 15 7.53 -33.42 15.55
C ALA B 15 7.37 -32.31 14.50
N GLU B 16 7.23 -31.09 14.97
CA GLU B 16 6.79 -29.98 14.15
C GLU B 16 7.91 -28.98 13.95
N LEU B 17 7.79 -28.23 12.87
CA LEU B 17 8.73 -27.20 12.54
C LEU B 17 8.57 -26.01 13.49
N LEU B 18 9.68 -25.49 13.95
CA LEU B 18 9.71 -24.36 14.86
C LEU B 18 10.01 -23.07 14.11
N LEU B 19 9.43 -21.99 14.59
CA LEU B 19 9.71 -20.66 14.10
C LEU B 19 10.48 -19.90 15.17
N GLY B 20 11.67 -19.41 14.80
CA GLY B 20 12.44 -18.55 15.67
C GLY B 20 12.34 -17.16 15.08
N VAL B 21 11.92 -16.15 15.85
CA VAL B 21 11.74 -14.81 15.28
C VAL B 21 12.96 -13.99 15.65
N ASN B 22 13.56 -13.33 14.66
CA ASN B 22 14.75 -12.53 14.86
C ASN B 22 14.36 -11.07 14.97
N ILE B 23 14.45 -10.52 16.17
CA ILE B 23 13.95 -9.19 16.44
C ILE B 23 15.06 -8.16 16.38
N ASP B 24 16.09 -8.45 15.59
CA ASP B 24 17.15 -7.48 15.33
C ASP B 24 16.58 -6.15 14.85
N HIS B 25 15.77 -6.21 13.78
CA HIS B 25 15.34 -5.00 13.12
C HIS B 25 14.23 -4.32 13.88
N ILE B 26 14.00 -4.68 15.12
CA ILE B 26 13.17 -3.83 15.95
C ILE B 26 14.02 -2.85 16.75
N ALA B 27 15.14 -3.29 17.33
CA ALA B 27 16.09 -2.34 17.92
C ALA B 27 16.62 -1.37 16.88
N THR B 28 16.68 -1.76 15.61
CA THR B 28 17.03 -0.82 14.54
C THR B 28 16.21 0.46 14.59
N LEU B 29 14.89 0.37 14.76
CA LEU B 29 14.07 1.59 14.83
C LEU B 29 14.31 2.31 16.14
N ARG B 30 14.35 1.55 17.22
CA ARG B 30 14.44 2.19 18.53
C ARG B 30 15.72 3.00 18.64
N ASN B 31 16.81 2.49 18.09
CA ASN B 31 18.11 3.15 18.16
C ASN B 31 18.25 4.27 17.15
N ALA B 32 17.17 4.61 16.44
CA ALA B 32 17.25 5.74 15.53
C ALA B 32 17.11 7.07 16.29
N ARG B 33 16.24 7.11 17.30
CA ARG B 33 16.13 8.29 18.15
C ARG B 33 16.83 8.12 19.49
N GLY B 34 17.49 6.97 19.73
CA GLY B 34 18.06 6.70 21.03
C GLY B 34 17.00 6.77 22.13
N THR B 35 15.76 6.47 21.77
CA THR B 35 14.65 6.40 22.71
C THR B 35 14.49 4.93 23.14
N ALA B 36 13.30 4.57 23.62
CA ALA B 36 13.08 3.24 24.16
C ALA B 36 12.00 2.44 23.43
N TYR B 37 11.32 3.01 22.44
CA TYR B 37 10.23 2.32 21.75
C TYR B 37 10.53 2.15 20.27
N PRO B 38 10.17 1.01 19.66
CA PRO B 38 9.53 -0.10 20.34
C PRO B 38 10.57 -0.90 21.08
N ASP B 39 10.21 -1.42 22.24
CA ASP B 39 11.17 -2.12 23.06
C ASP B 39 11.26 -3.56 22.62
N PRO B 40 12.41 -4.03 22.15
CA PRO B 40 12.52 -5.43 21.79
C PRO B 40 12.00 -6.38 22.86
N VAL B 41 12.08 -6.03 24.15
CA VAL B 41 11.47 -6.91 25.13
C VAL B 41 10.00 -7.16 24.81
N GLN B 42 9.26 -6.11 24.47
CA GLN B 42 7.84 -6.29 24.19
C GLN B 42 7.60 -7.10 22.93
N ALA B 43 8.37 -6.84 21.88
CA ALA B 43 8.13 -7.58 20.65
C ALA B 43 8.26 -9.07 20.88
N ALA B 44 9.22 -9.45 21.71
CA ALA B 44 9.40 -10.85 22.04
C ALA B 44 8.14 -11.41 22.67
N PHE B 45 7.55 -10.71 23.64
CA PHE B 45 6.28 -11.15 24.23
C PHE B 45 5.29 -11.39 23.12
N ILE B 46 5.21 -10.44 22.21
CA ILE B 46 4.20 -10.49 21.18
C ILE B 46 4.46 -11.67 20.25
N ALA B 47 5.69 -11.76 19.73
CA ALA B 47 6.03 -12.86 18.84
C ALA B 47 5.69 -14.20 19.49
N GLU B 48 6.05 -14.35 20.77
CA GLU B 48 5.88 -15.64 21.41
C GLU B 48 4.40 -16.01 21.51
N GLN B 49 3.54 -15.05 21.86
CA GLN B 49 2.12 -15.42 21.88
C GLN B 49 1.53 -15.51 20.49
N ALA B 50 2.16 -14.94 19.48
CA ALA B 50 1.65 -15.17 18.15
C ALA B 50 2.10 -16.51 17.61
N GLY B 51 2.86 -17.27 18.37
CA GLY B 51 3.30 -18.61 18.00
C GLY B 51 4.79 -18.81 17.69
N ALA B 52 5.66 -17.91 18.10
CA ALA B 52 7.07 -18.09 17.84
C ALA B 52 7.63 -19.06 18.85
N ASP B 53 8.52 -19.93 18.38
CA ASP B 53 9.07 -20.95 19.26
C ASP B 53 10.36 -20.48 19.93
N GLY B 54 10.99 -19.45 19.38
CA GLY B 54 12.03 -18.78 20.13
C GLY B 54 12.30 -17.39 19.58
N ILE B 55 13.20 -16.70 20.25
CA ILE B 55 13.59 -15.35 19.88
C ILE B 55 15.09 -15.35 19.62
N THR B 56 15.47 -14.86 18.46
CA THR B 56 16.86 -14.71 18.08
C THR B 56 17.26 -13.25 18.26
N VAL B 57 18.45 -13.00 18.81
CA VAL B 57 19.01 -11.66 18.86
C VAL B 57 20.47 -11.69 18.44
N HIS B 58 20.84 -10.83 17.49
CA HIS B 58 22.23 -10.69 17.09
C HIS B 58 22.85 -9.58 17.94
N LEU B 59 23.74 -9.98 18.83
CA LEU B 59 24.60 -9.04 19.53
C LEU B 59 25.81 -8.77 18.65
N ARG B 60 25.85 -7.59 18.05
CA ARG B 60 27.13 -7.06 17.61
C ARG B 60 27.73 -6.24 18.75
N GLU B 61 29.02 -5.92 18.66
CA GLU B 61 29.55 -4.89 19.53
C GLU B 61 29.74 -3.58 18.80
N ASP B 62 29.73 -3.61 17.47
CA ASP B 62 29.23 -2.50 16.70
C ASP B 62 28.02 -1.94 17.44
N ARG B 63 27.20 -2.87 17.95
CA ARG B 63 26.10 -2.63 18.88
C ARG B 63 25.09 -1.62 18.36
N ARG B 64 24.99 -1.49 17.04
CA ARG B 64 24.02 -0.58 16.46
C ARG B 64 22.60 -1.09 16.56
N HIS B 65 22.32 -2.19 17.25
CA HIS B 65 20.95 -2.69 17.31
C HIS B 65 20.65 -3.27 18.69
N ILE B 66 20.68 -4.59 18.81
CA ILE B 66 20.49 -5.18 20.13
C ILE B 66 21.64 -4.80 21.05
N THR B 67 21.34 -4.56 22.32
CA THR B 67 22.33 -4.11 23.30
C THR B 67 22.44 -5.10 24.44
N ASP B 68 23.45 -4.86 25.29
CA ASP B 68 23.62 -5.68 26.50
C ASP B 68 22.36 -5.70 27.35
N ARG B 69 21.63 -4.60 27.38
CA ARG B 69 20.42 -4.54 28.20
C ARG B 69 19.33 -5.42 27.64
N ASP B 70 19.08 -5.31 26.33
CA ASP B 70 18.15 -6.19 25.65
C ASP B 70 18.43 -7.65 26.00
N VAL B 71 19.67 -8.07 25.83
CA VAL B 71 20.03 -9.46 26.10
C VAL B 71 19.87 -9.78 27.57
N ARG B 72 20.20 -8.83 28.45
CA ARG B 72 19.98 -9.09 29.86
C ARG B 72 18.50 -9.26 30.20
N ILE B 73 17.63 -8.41 29.65
CA ILE B 73 16.23 -8.48 30.04
C ILE B 73 15.53 -9.65 29.34
N LEU B 74 15.69 -9.75 28.01
CA LEU B 74 15.07 -10.82 27.25
C LEU B 74 15.26 -12.16 27.93
N ARG B 75 16.51 -12.45 28.34
CA ARG B 75 16.89 -13.69 29.01
C ARG B 75 16.07 -13.90 30.26
N GLN B 76 15.52 -12.84 30.85
CA GLN B 76 14.70 -13.02 32.02
C GLN B 76 13.20 -12.90 31.77
N THR B 77 12.79 -12.44 30.58
CA THR B 77 11.38 -12.30 30.29
C THR B 77 10.88 -13.26 29.22
N LEU B 78 11.76 -13.74 28.34
CA LEU B 78 11.40 -14.76 27.37
C LEU B 78 10.73 -15.94 28.04
N ASP B 79 9.62 -16.40 27.45
CA ASP B 79 8.99 -17.61 27.93
C ASP B 79 9.45 -18.82 27.14
N THR B 80 9.90 -18.61 25.90
CA THR B 80 10.48 -19.68 25.12
C THR B 80 11.98 -19.81 25.41
N ARG B 81 12.79 -19.69 24.37
CA ARG B 81 14.21 -19.97 24.44
C ARG B 81 14.93 -18.92 23.64
N MET B 82 16.17 -18.62 24.04
CA MET B 82 16.97 -17.64 23.35
C MET B 82 17.95 -18.28 22.38
N ASN B 83 17.98 -17.76 21.15
CA ASN B 83 19.02 -18.07 20.17
C ASN B 83 19.85 -16.80 20.06
N LEU B 84 21.07 -16.86 20.56
CA LEU B 84 21.98 -15.73 20.61
C LEU B 84 22.96 -15.81 19.44
N GLU B 85 22.78 -14.96 18.43
CA GLU B 85 23.74 -14.91 17.35
C GLU B 85 24.93 -14.07 17.78
N MET B 86 26.08 -14.34 17.15
CA MET B 86 27.34 -13.65 17.43
C MET B 86 28.47 -14.26 16.59
N ALA B 87 29.56 -13.52 16.39
CA ALA B 87 30.75 -14.10 15.79
C ALA B 87 31.67 -14.57 16.90
N VAL B 88 32.72 -15.29 16.52
CA VAL B 88 33.49 -16.04 17.50
C VAL B 88 34.64 -15.18 18.02
N THR B 89 34.58 -14.85 19.32
CA THR B 89 35.32 -13.75 19.92
C THR B 89 35.32 -13.95 21.43
N GLU B 90 36.44 -13.61 22.08
CA GLU B 90 36.53 -13.93 23.50
C GLU B 90 35.50 -13.12 24.29
N GLU B 91 35.17 -11.92 23.78
CA GLU B 91 34.14 -11.09 24.40
C GLU B 91 32.79 -11.81 24.40
N MET B 92 32.28 -12.14 23.21
CA MET B 92 31.02 -12.86 23.11
C MET B 92 31.02 -14.10 24.00
N LEU B 93 32.05 -14.95 23.86
CA LEU B 93 32.08 -16.19 24.61
C LEU B 93 31.90 -15.95 26.11
N ALA B 94 32.54 -14.90 26.65
CA ALA B 94 32.33 -14.58 28.06
C ALA B 94 30.88 -14.18 28.32
N ILE B 95 30.29 -13.35 27.44
CA ILE B 95 28.88 -13.00 27.57
C ILE B 95 28.02 -14.25 27.52
N ALA B 96 28.13 -14.98 26.40
CA ALA B 96 27.33 -16.19 26.20
C ALA B 96 27.38 -17.09 27.42
N VAL B 97 28.55 -17.23 28.02
CA VAL B 97 28.69 -18.11 29.16
C VAL B 97 27.99 -17.54 30.37
N GLU B 98 27.93 -16.21 30.50
CA GLU B 98 27.31 -15.66 31.70
C GLU B 98 25.79 -15.67 31.57
N THR B 99 25.26 -15.21 30.44
CA THR B 99 23.80 -15.18 30.30
C THR B 99 23.23 -16.56 29.97
N LYS B 100 24.05 -17.46 29.43
CA LYS B 100 23.65 -18.85 29.20
C LYS B 100 22.37 -18.94 28.37
N PRO B 101 22.42 -18.59 27.10
CA PRO B 101 21.25 -18.81 26.25
C PRO B 101 21.04 -20.29 26.04
N HIS B 102 19.82 -20.67 25.64
CA HIS B 102 19.57 -22.07 25.32
C HIS B 102 20.31 -22.46 24.06
N PHE B 103 20.31 -21.57 23.06
CA PHE B 103 20.96 -21.77 21.79
C PHE B 103 22.05 -20.71 21.63
N CYS B 104 22.78 -20.76 20.54
CA CYS B 104 23.95 -19.90 20.38
C CYS B 104 24.54 -20.05 18.99
N CYS B 105 23.83 -19.56 17.98
CA CYS B 105 24.31 -19.66 16.61
C CYS B 105 25.55 -18.79 16.41
N LEU B 106 26.58 -19.35 15.77
CA LEU B 106 27.87 -18.70 15.57
C LEU B 106 27.98 -18.25 14.13
N VAL B 107 28.29 -16.98 13.93
CA VAL B 107 28.20 -16.34 12.62
C VAL B 107 29.57 -15.76 12.30
N PRO B 108 29.80 -15.20 11.10
CA PRO B 108 30.99 -14.36 10.90
C PRO B 108 30.68 -12.88 11.11
N GLU B 109 31.61 -12.21 11.76
CA GLU B 109 31.46 -10.79 11.97
C GLU B 109 32.38 -10.21 10.98
N LYS B 110 32.01 -10.32 9.71
CA LYS B 110 32.77 -9.80 8.58
C LYS B 110 34.21 -10.32 8.39
N ARG B 111 34.95 -9.65 7.53
CA ARG B 111 36.36 -9.93 7.22
C ARG B 111 36.76 -11.29 6.62
N GLN B 112 37.66 -11.99 7.29
CA GLN B 112 38.20 -13.26 6.79
C GLN B 112 37.50 -14.53 7.20
N GLU B 113 36.48 -14.43 8.05
CA GLU B 113 35.73 -15.60 8.48
C GLU B 113 34.56 -15.86 7.53
N VAL B 114 34.31 -14.90 6.64
CA VAL B 114 33.24 -14.92 5.67
C VAL B 114 33.60 -15.83 4.53
N THR B 115 32.61 -16.20 3.75
CA THR B 115 32.84 -17.10 2.65
C THR B 115 32.23 -16.62 1.35
N THR B 116 32.17 -17.55 0.40
CA THR B 116 31.59 -17.32 -0.92
C THR B 116 30.07 -17.15 -0.84
N GLU B 117 29.54 -16.71 0.31
CA GLU B 117 28.09 -16.60 0.42
C GLU B 117 27.67 -15.77 1.62
N GLY B 118 28.58 -15.61 2.57
CA GLY B 118 28.27 -14.96 3.83
C GLY B 118 28.41 -15.86 5.04
N GLY B 119 28.90 -17.10 4.85
CA GLY B 119 28.87 -18.11 5.88
C GLY B 119 30.19 -18.27 6.63
N LEU B 120 30.08 -18.82 7.83
CA LEU B 120 31.24 -19.00 8.70
C LEU B 120 31.98 -20.26 8.29
N ASP B 121 33.22 -20.12 7.84
CA ASP B 121 33.98 -21.31 7.45
C ASP B 121 34.52 -22.02 8.69
N VAL B 122 34.64 -23.33 8.58
CA VAL B 122 35.22 -24.11 9.66
C VAL B 122 36.35 -24.93 9.07
N ALA B 123 36.13 -25.49 7.87
CA ALA B 123 37.20 -26.22 7.19
C ALA B 123 38.46 -25.37 7.01
N GLY B 124 38.28 -24.06 6.81
CA GLY B 124 39.43 -23.19 6.73
C GLY B 124 40.03 -22.82 8.07
N GLN B 125 39.27 -23.04 9.16
CA GLN B 125 39.72 -22.68 10.50
C GLN B 125 39.26 -23.76 11.47
N ARG B 126 39.75 -24.99 11.27
CA ARG B 126 39.10 -26.13 11.89
C ARG B 126 39.17 -26.11 13.42
N ASP B 127 39.90 -25.18 14.06
CA ASP B 127 39.53 -24.84 15.44
C ASP B 127 39.86 -23.36 15.71
N LYS B 128 38.97 -22.50 15.27
CA LYS B 128 38.53 -21.50 16.22
C LYS B 128 37.41 -22.07 17.06
N MET B 129 36.85 -23.20 16.60
CA MET B 129 35.50 -23.68 16.86
C MET B 129 35.42 -24.82 17.88
N ARG B 130 36.40 -25.71 17.98
CA ARG B 130 36.32 -26.69 19.06
C ARG B 130 36.35 -26.01 20.43
N ASP B 131 37.28 -25.05 20.61
CA ASP B 131 37.24 -24.28 21.84
C ASP B 131 35.92 -23.58 21.98
N ALA B 132 35.39 -23.06 20.87
CA ALA B 132 34.05 -22.50 20.87
C ALA B 132 33.08 -23.56 21.40
N CYS B 133 32.74 -24.56 20.59
CA CYS B 133 31.67 -25.47 20.99
C CYS B 133 31.96 -26.19 22.30
N LYS B 134 33.23 -26.42 22.67
CA LYS B 134 33.41 -26.99 24.01
C LYS B 134 33.37 -25.91 25.09
N ARG B 135 34.08 -24.77 24.90
CA ARG B 135 33.81 -23.62 25.76
C ARG B 135 32.63 -22.83 25.25
N LEU B 136 31.68 -23.50 24.60
CA LEU B 136 30.29 -23.11 24.64
C LEU B 136 29.38 -24.20 25.21
N ALA B 137 29.69 -25.49 25.04
CA ALA B 137 29.01 -26.56 25.78
C ALA B 137 28.94 -26.27 27.27
N ASP B 138 30.06 -26.37 27.99
CA ASP B 138 30.21 -25.90 29.38
C ASP B 138 28.95 -25.92 30.23
N ALA B 139 28.24 -24.76 30.17
CA ALA B 139 26.92 -24.51 30.73
C ALA B 139 25.89 -24.66 29.64
N GLY B 140 24.81 -25.34 29.97
CA GLY B 140 23.94 -25.98 29.00
C GLY B 140 23.61 -25.18 27.77
N ILE B 141 24.55 -25.05 26.82
CA ILE B 141 24.32 -24.26 25.62
C ILE B 141 24.43 -25.14 24.40
N GLN B 142 23.31 -25.36 23.73
CA GLN B 142 23.38 -26.01 22.42
C GLN B 142 23.84 -24.98 21.41
N VAL B 143 24.76 -25.40 20.53
CA VAL B 143 25.49 -24.48 19.66
C VAL B 143 25.10 -24.72 18.22
N SER B 144 24.69 -23.67 17.53
CA SER B 144 24.51 -23.75 16.09
C SER B 144 25.72 -23.15 15.39
N LEU B 145 25.97 -23.61 14.17
CA LEU B 145 27.06 -23.07 13.35
C LEU B 145 26.45 -22.55 12.06
N PHE B 146 26.68 -21.27 11.76
CA PHE B 146 26.08 -20.69 10.56
C PHE B 146 26.99 -20.98 9.38
N ILE B 147 26.60 -21.95 8.55
CA ILE B 147 27.49 -22.44 7.51
C ILE B 147 26.72 -22.59 6.20
N ASP B 148 27.46 -22.54 5.11
CA ASP B 148 26.83 -22.48 3.80
C ASP B 148 26.45 -23.89 3.40
N ALA B 149 25.75 -24.03 2.29
CA ALA B 149 25.42 -25.37 1.80
C ALA B 149 26.60 -25.95 1.00
N ASP B 150 27.71 -26.15 1.70
CA ASP B 150 28.90 -26.77 1.13
C ASP B 150 29.35 -27.95 2.00
N GLU B 151 29.71 -29.05 1.34
CA GLU B 151 30.00 -30.30 2.04
C GLU B 151 31.17 -30.15 3.00
N GLU B 152 32.27 -29.52 2.54
CA GLU B 152 33.46 -29.41 3.39
C GLU B 152 33.15 -28.72 4.72
N GLN B 153 32.20 -27.79 4.70
CA GLN B 153 31.84 -27.02 5.89
C GLN B 153 30.99 -27.82 6.86
N ILE B 154 29.93 -28.45 6.36
CA ILE B 154 29.14 -29.36 7.19
C ILE B 154 30.05 -30.32 7.95
N LYS B 155 30.88 -31.09 7.21
CA LYS B 155 31.80 -32.07 7.78
C LYS B 155 32.56 -31.53 8.98
N ALA B 156 33.26 -30.42 8.79
CA ALA B 156 34.03 -29.81 9.87
C ALA B 156 33.13 -29.46 11.04
N ALA B 157 31.95 -28.90 10.75
CA ALA B 157 31.05 -28.49 11.81
C ALA B 157 30.61 -29.66 12.65
N ALA B 158 30.56 -30.86 12.05
CA ALA B 158 30.23 -32.05 12.81
C ALA B 158 31.37 -32.42 13.74
N LYS B 159 32.61 -32.41 13.22
CA LYS B 159 33.74 -32.93 13.98
C LYS B 159 34.08 -32.04 15.18
N VAL B 160 33.92 -30.72 15.04
CA VAL B 160 34.31 -29.79 16.09
C VAL B 160 33.44 -29.90 17.34
N GLY B 161 32.33 -30.62 17.27
CA GLY B 161 31.51 -30.91 18.43
C GLY B 161 30.13 -30.25 18.46
N ALA B 162 29.62 -29.78 17.33
CA ALA B 162 28.50 -28.85 17.30
C ALA B 162 27.19 -29.59 17.16
N PRO B 163 26.26 -29.49 18.12
CA PRO B 163 24.95 -30.15 17.94
C PRO B 163 24.19 -29.72 16.69
N PHE B 164 24.18 -28.42 16.38
CA PHE B 164 23.37 -27.90 15.30
C PHE B 164 24.23 -27.24 14.23
N ILE B 165 23.66 -27.16 13.03
CA ILE B 165 24.08 -26.20 12.04
C ILE B 165 22.86 -25.42 11.56
N GLU B 166 23.08 -24.16 11.20
CA GLU B 166 22.06 -23.38 10.51
C GLU B 166 22.57 -23.13 9.10
N ILE B 167 21.82 -23.62 8.11
CA ILE B 167 22.19 -23.43 6.72
C ILE B 167 21.91 -21.99 6.34
N HIS B 168 22.80 -21.41 5.54
CA HIS B 168 22.59 -20.05 5.05
C HIS B 168 21.64 -20.12 3.86
N THR B 169 20.39 -19.71 4.06
CA THR B 169 19.42 -19.72 2.96
C THR B 169 19.53 -18.48 2.07
N GLY B 170 20.61 -17.71 2.22
CA GLY B 170 20.75 -16.47 1.47
C GLY B 170 20.73 -16.66 -0.03
N CYS B 171 21.58 -17.55 -0.55
CA CYS B 171 21.60 -17.74 -2.00
C CYS B 171 20.25 -18.21 -2.52
N TYR B 172 19.50 -18.95 -1.70
CA TYR B 172 18.17 -19.40 -2.10
C TYR B 172 17.24 -18.22 -2.32
N ALA B 173 17.34 -17.18 -1.48
CA ALA B 173 16.44 -16.05 -1.60
C ALA B 173 16.84 -15.10 -2.73
N ASP B 174 18.14 -14.84 -2.92
CA ASP B 174 18.60 -13.88 -3.94
C ASP B 174 18.39 -14.35 -5.37
N ALA B 175 17.88 -15.58 -5.57
CA ALA B 175 17.76 -16.19 -6.88
C ALA B 175 16.91 -15.37 -7.84
N LYS B 176 17.40 -15.22 -9.08
CA LYS B 176 16.75 -14.30 -10.03
C LYS B 176 15.54 -14.95 -10.71
N THR B 177 15.78 -15.91 -11.61
CA THR B 177 14.70 -16.65 -12.23
C THR B 177 14.56 -18.01 -11.58
N ASP B 178 13.42 -18.65 -11.86
CA ASP B 178 13.04 -19.89 -11.19
C ASP B 178 14.16 -20.92 -11.21
N ALA B 179 14.94 -20.96 -12.29
CA ALA B 179 15.97 -21.97 -12.49
C ALA B 179 16.94 -21.97 -11.33
N GLU B 180 17.72 -20.89 -11.18
CA GLU B 180 18.75 -20.89 -10.15
C GLU B 180 18.13 -21.07 -8.77
N GLN B 181 16.82 -20.82 -8.61
CA GLN B 181 16.14 -21.05 -7.34
C GLN B 181 16.00 -22.54 -7.06
N ALA B 182 15.36 -23.27 -7.98
CA ALA B 182 15.23 -24.72 -7.80
C ALA B 182 16.60 -25.38 -7.53
N GLN B 183 17.68 -24.81 -8.06
CA GLN B 183 19.00 -25.36 -7.74
C GLN B 183 19.34 -25.14 -6.28
N GLU B 184 19.30 -23.90 -5.80
CA GLU B 184 19.68 -23.63 -4.42
C GLU B 184 18.79 -24.35 -3.44
N LEU B 185 17.54 -24.62 -3.82
CA LEU B 185 16.64 -25.41 -2.98
C LEU B 185 17.19 -26.82 -2.78
N ALA B 186 17.47 -27.52 -3.90
CA ALA B 186 18.05 -28.86 -3.85
C ALA B 186 19.40 -28.86 -3.14
N ARG B 187 20.26 -27.89 -3.46
CA ARG B 187 21.52 -27.78 -2.76
C ARG B 187 21.29 -27.62 -1.25
N ILE B 188 20.15 -27.07 -0.86
CA ILE B 188 19.86 -26.94 0.57
C ILE B 188 19.24 -28.22 1.11
N ALA B 189 18.24 -28.75 0.41
CA ALA B 189 17.60 -29.97 0.87
C ALA B 189 18.57 -31.13 0.90
N LYS B 190 19.51 -31.19 -0.07
CA LYS B 190 20.62 -32.14 0.01
C LYS B 190 21.52 -31.83 1.19
N ALA B 191 21.93 -30.57 1.34
CA ALA B 191 22.77 -30.22 2.47
C ALA B 191 22.17 -30.68 3.79
N ALA B 192 20.83 -30.71 3.87
CA ALA B 192 20.16 -31.04 5.12
C ALA B 192 20.21 -32.52 5.42
N THR B 193 19.86 -33.38 4.44
CA THR B 193 20.03 -34.82 4.61
C THR B 193 21.46 -35.19 4.96
N PHE B 194 22.44 -34.57 4.28
CA PHE B 194 23.82 -34.91 4.59
C PHE B 194 24.15 -34.53 6.03
N ALA B 195 23.79 -33.32 6.43
CA ALA B 195 24.09 -32.87 7.79
C ALA B 195 23.44 -33.75 8.85
N ALA B 196 22.28 -34.36 8.52
CA ALA B 196 21.53 -35.14 9.49
C ALA B 196 22.17 -36.50 9.76
N SER B 197 22.58 -37.19 8.69
CA SER B 197 23.27 -38.47 8.79
C SER B 197 24.54 -38.34 9.62
N LEU B 198 25.21 -37.19 9.55
CA LEU B 198 26.39 -36.98 10.38
C LEU B 198 26.04 -36.77 11.85
N GLY B 199 24.74 -36.72 12.19
CA GLY B 199 24.27 -36.59 13.56
C GLY B 199 23.85 -35.20 13.98
N LEU B 200 23.97 -34.22 13.08
CA LEU B 200 23.61 -32.82 13.36
C LEU B 200 22.11 -32.62 13.28
N LYS B 201 21.60 -31.72 14.11
CA LYS B 201 20.28 -31.17 13.86
C LYS B 201 20.44 -29.90 13.02
N VAL B 202 19.40 -29.58 12.24
CA VAL B 202 19.56 -28.65 11.14
C VAL B 202 18.52 -27.54 11.21
N ASN B 203 18.98 -26.30 11.26
CA ASN B 203 18.15 -25.12 11.14
C ASN B 203 18.56 -24.33 9.91
N ALA B 204 17.75 -23.32 9.61
CA ALA B 204 18.00 -22.44 8.47
C ALA B 204 17.17 -21.20 8.70
N GLY B 205 17.22 -20.27 7.76
CA GLY B 205 16.14 -19.30 7.74
C GLY B 205 16.53 -17.89 7.39
N HIS B 206 17.81 -17.59 7.48
CA HIS B 206 18.26 -16.24 7.17
C HIS B 206 18.08 -15.97 5.67
N GLY B 207 17.33 -14.94 5.35
CA GLY B 207 16.95 -14.67 3.99
C GLY B 207 15.51 -15.01 3.64
N LEU B 208 14.84 -15.80 4.47
CA LEU B 208 13.55 -16.34 4.07
C LEU B 208 12.45 -15.27 4.09
N THR B 209 11.46 -15.43 3.22
CA THR B 209 10.33 -14.52 3.13
C THR B 209 9.01 -15.29 3.15
N TYR B 210 7.93 -14.53 3.25
CA TYR B 210 6.59 -15.13 3.25
C TYR B 210 6.32 -15.87 1.95
N ARG B 211 7.13 -15.62 0.94
CA ARG B 211 6.92 -16.28 -0.31
C ARG B 211 7.90 -17.40 -0.51
N ASN B 212 9.09 -17.25 0.02
CA ASN B 212 10.08 -18.27 -0.06
C ASN B 212 9.69 -19.38 0.81
N VAL B 213 9.76 -19.15 2.09
CA VAL B 213 9.55 -20.09 3.15
C VAL B 213 8.98 -21.47 2.99
N LYS B 214 7.89 -21.63 2.28
CA LYS B 214 7.25 -22.91 2.19
C LYS B 214 8.07 -24.05 1.74
N ALA B 215 8.94 -23.85 0.77
CA ALA B 215 9.76 -24.91 0.33
C ALA B 215 10.72 -25.21 1.41
N ILE B 216 11.55 -24.29 1.73
CA ILE B 216 12.48 -24.64 2.80
C ILE B 216 11.80 -25.39 3.93
N ALA B 217 10.55 -25.04 4.24
CA ALA B 217 9.88 -25.62 5.40
C ALA B 217 9.55 -27.09 5.20
N ALA B 218 9.39 -27.53 3.95
CA ALA B 218 9.02 -28.91 3.73
C ALA B 218 10.23 -29.85 3.77
N ILE B 219 11.43 -29.32 3.69
CA ILE B 219 12.66 -30.08 3.88
C ILE B 219 12.60 -30.74 5.25
N PRO B 220 12.39 -32.05 5.32
CA PRO B 220 11.98 -32.68 6.59
C PRO B 220 13.07 -32.70 7.63
N GLU B 221 14.32 -32.51 7.24
CA GLU B 221 15.42 -32.50 8.19
C GLU B 221 15.39 -31.24 9.04
N MET B 222 14.76 -30.18 8.56
CA MET B 222 14.74 -28.89 9.25
C MET B 222 14.07 -29.01 10.61
N HIS B 223 14.74 -28.44 11.62
CA HIS B 223 14.32 -28.40 13.01
C HIS B 223 13.61 -27.11 13.34
N GLU B 224 14.18 -25.97 12.91
CA GLU B 224 13.72 -24.65 13.25
C GLU B 224 14.14 -23.69 12.14
N LEU B 225 13.25 -22.76 11.79
CA LEU B 225 13.58 -21.66 10.89
C LEU B 225 13.66 -20.38 11.72
N ASN B 226 14.81 -19.71 11.65
CA ASN B 226 15.01 -18.44 12.31
C ASN B 226 14.90 -17.33 11.25
N ILE B 227 13.80 -16.60 11.28
CA ILE B 227 13.46 -15.55 10.32
C ILE B 227 13.28 -14.22 11.05
N GLY B 228 13.81 -13.15 10.48
CA GLY B 228 13.59 -11.88 11.10
C GLY B 228 13.05 -10.84 10.16
N HIS B 229 13.94 -10.36 9.29
CA HIS B 229 13.67 -9.16 8.52
C HIS B 229 12.30 -9.18 7.87
N ALA B 230 11.92 -10.30 7.28
CA ALA B 230 10.67 -10.33 6.52
C ALA B 230 9.46 -10.15 7.43
N ILE B 231 9.55 -10.60 8.67
CA ILE B 231 8.43 -10.52 9.59
C ILE B 231 8.30 -9.11 10.12
N ILE B 232 9.38 -8.58 10.70
CA ILE B 232 9.39 -7.18 11.14
C ILE B 232 9.00 -6.25 10.01
N GLY B 233 9.44 -6.54 8.78
CA GLY B 233 8.99 -5.77 7.64
C GLY B 233 7.49 -5.85 7.44
N ARG B 234 6.92 -7.02 7.63
CA ARG B 234 5.47 -7.07 7.47
C ARG B 234 4.81 -6.48 8.69
N ALA B 235 5.48 -6.54 9.84
CA ALA B 235 4.86 -6.10 11.09
C ALA B 235 4.36 -4.67 10.93
N VAL B 236 5.21 -3.82 10.38
CA VAL B 236 4.92 -2.41 10.08
C VAL B 236 3.60 -2.21 9.36
N LEU B 237 3.24 -3.10 8.47
CA LEU B 237 1.97 -2.89 7.81
C LEU B 237 0.85 -3.52 8.61
N THR B 238 1.09 -4.67 9.21
CA THR B 238 0.00 -5.50 9.70
C THR B 238 -0.04 -5.64 11.21
N GLY B 239 1.06 -5.34 11.90
CA GLY B 239 1.16 -5.64 13.30
C GLY B 239 2.05 -6.85 13.53
N LEU B 240 2.94 -6.78 14.51
CA LEU B 240 3.86 -7.87 14.74
C LEU B 240 3.13 -9.18 15.02
N LYS B 241 2.05 -9.13 15.80
CA LYS B 241 1.34 -10.37 16.12
C LYS B 241 0.96 -11.09 14.84
N VAL B 242 0.27 -10.39 13.95
CA VAL B 242 -0.17 -11.01 12.71
C VAL B 242 1.01 -11.47 11.86
N ALA B 243 2.06 -10.65 11.75
CA ALA B 243 3.17 -11.05 10.88
C ALA B 243 3.76 -12.38 11.30
N VAL B 244 4.07 -12.52 12.58
CA VAL B 244 4.50 -13.80 13.11
C VAL B 244 3.50 -14.89 12.75
N ALA B 245 2.27 -14.78 13.25
CA ALA B 245 1.23 -15.75 12.96
C ALA B 245 1.16 -16.15 11.48
N GLU B 246 1.01 -15.19 10.57
CA GLU B 246 0.87 -15.55 9.15
C GLU B 246 2.02 -16.41 8.71
N MET B 247 3.20 -16.17 9.24
CA MET B 247 4.36 -16.97 8.88
C MET B 247 4.24 -18.36 9.48
N LYS B 248 3.99 -18.44 10.77
CA LYS B 248 3.87 -19.75 11.40
C LYS B 248 2.86 -20.61 10.66
N ARG B 249 1.77 -20.01 10.17
CA ARG B 249 0.76 -20.78 9.46
C ARG B 249 1.28 -21.26 8.14
N LEU B 250 2.15 -20.49 7.49
CA LEU B 250 2.69 -20.94 6.21
C LEU B 250 3.57 -22.16 6.40
N MET B 251 4.32 -22.20 7.50
CA MET B 251 5.12 -23.38 7.82
C MET B 251 4.23 -24.59 8.08
N LEU B 252 3.18 -24.41 8.86
CA LEU B 252 2.29 -25.53 9.14
C LEU B 252 1.61 -26.00 7.86
N GLU B 253 1.16 -25.08 7.00
CA GLU B 253 0.72 -25.47 5.67
C GLU B 253 1.74 -26.40 5.04
N ALA B 254 3.01 -26.00 5.06
CA ALA B 254 4.05 -26.66 4.26
C ALA B 254 4.44 -28.06 4.73
N ARG B 255 3.91 -28.57 5.84
CA ARG B 255 4.24 -29.90 6.33
C ARG B 255 2.97 -30.66 6.71
N GLY B 256 1.88 -30.36 6.01
CA GLY B 256 0.59 -30.97 6.28
C GLY B 256 -0.44 -30.75 5.19
N ALA C 15 2.96 -22.75 -2.50
CA ALA C 15 2.52 -22.24 -3.80
C ALA C 15 3.29 -22.88 -4.93
N GLU C 16 2.68 -23.86 -5.58
CA GLU C 16 3.20 -24.44 -6.82
C GLU C 16 2.42 -23.96 -8.04
N LEU C 17 1.08 -24.04 -7.99
CA LEU C 17 0.24 -23.37 -8.96
C LEU C 17 0.08 -21.89 -8.60
N LEU C 18 0.48 -21.01 -9.51
CA LEU C 18 0.69 -19.60 -9.24
C LEU C 18 -0.53 -18.78 -9.63
N LEU C 19 -0.65 -17.61 -9.00
CA LEU C 19 -1.76 -16.71 -9.26
C LEU C 19 -1.20 -15.38 -9.77
N GLY C 20 -1.77 -14.88 -10.85
CA GLY C 20 -1.34 -13.64 -11.42
C GLY C 20 -2.56 -12.77 -11.50
N VAL C 21 -2.54 -11.58 -10.88
CA VAL C 21 -3.71 -10.71 -10.85
C VAL C 21 -3.57 -9.66 -11.93
N ASN C 22 -4.66 -9.46 -12.66
CA ASN C 22 -4.73 -8.45 -13.70
C ASN C 22 -5.43 -7.23 -13.13
N ILE C 23 -4.67 -6.17 -12.86
CA ILE C 23 -5.18 -4.96 -12.23
C ILE C 23 -5.63 -3.96 -13.29
N ASP C 24 -6.09 -4.46 -14.45
CA ASP C 24 -6.48 -3.55 -15.54
C ASP C 24 -7.73 -2.77 -15.18
N HIS C 25 -8.82 -3.45 -14.85
CA HIS C 25 -10.06 -2.75 -14.58
C HIS C 25 -10.05 -2.10 -13.27
N ILE C 26 -8.86 -1.84 -12.75
CA ILE C 26 -8.63 -0.90 -11.66
C ILE C 26 -8.20 0.47 -12.18
N ALA C 27 -7.27 0.50 -13.14
CA ALA C 27 -6.96 1.75 -13.83
C ALA C 27 -8.18 2.29 -14.58
N THR C 28 -9.20 1.47 -14.77
CA THR C 28 -10.50 1.93 -15.27
C THR C 28 -11.09 3.01 -14.40
N LEU C 29 -11.50 2.63 -13.18
CA LEU C 29 -12.17 3.55 -12.26
C LEU C 29 -11.38 4.84 -12.03
N ARG C 30 -10.06 4.78 -12.13
CA ARG C 30 -9.27 5.99 -11.93
C ARG C 30 -9.55 7.00 -13.03
N ASN C 31 -9.39 6.57 -14.28
CA ASN C 31 -9.64 7.40 -15.47
C ASN C 31 -11.12 7.77 -15.64
N ALA C 32 -11.97 7.45 -14.66
CA ALA C 32 -13.41 7.63 -14.74
C ALA C 32 -13.88 9.02 -14.32
N ARG C 33 -13.48 9.48 -13.13
CA ARG C 33 -13.73 10.87 -12.72
C ARG C 33 -12.43 11.66 -12.64
N GLY C 34 -11.46 11.28 -13.48
CA GLY C 34 -10.20 11.98 -13.52
C GLY C 34 -9.48 12.02 -12.21
N THR C 35 -9.79 11.11 -11.31
CA THR C 35 -9.13 11.03 -10.02
C THR C 35 -7.75 10.42 -10.19
N ALA C 36 -7.10 10.07 -9.08
CA ALA C 36 -5.86 9.30 -9.09
C ALA C 36 -6.02 7.94 -8.44
N TYR C 37 -7.16 7.70 -7.71
CA TYR C 37 -7.51 6.58 -6.86
C TYR C 37 -8.67 5.77 -7.47
N PRO C 38 -8.67 4.44 -7.30
CA PRO C 38 -7.54 3.68 -6.73
C PRO C 38 -6.32 3.70 -7.64
N ASP C 39 -5.19 3.64 -7.07
CA ASP C 39 -3.97 3.65 -7.88
C ASP C 39 -3.52 2.21 -8.10
N PRO C 40 -3.34 1.78 -9.35
CA PRO C 40 -2.85 0.41 -9.58
C PRO C 40 -1.56 0.12 -8.86
N VAL C 41 -0.70 1.12 -8.65
CA VAL C 41 0.48 0.88 -7.82
C VAL C 41 0.09 0.32 -6.46
N GLN C 42 -0.98 0.86 -5.85
CA GLN C 42 -1.49 0.35 -4.57
C GLN C 42 -2.04 -1.05 -4.73
N ALA C 43 -2.86 -1.25 -5.74
CA ALA C 43 -3.52 -2.53 -5.88
C ALA C 43 -2.50 -3.66 -6.01
N ALA C 44 -1.42 -3.40 -6.76
CA ALA C 44 -0.35 -4.38 -6.90
C ALA C 44 0.23 -4.75 -5.53
N PHE C 45 0.70 -3.75 -4.77
CA PHE C 45 1.12 -3.94 -3.38
C PHE C 45 0.16 -4.85 -2.61
N ILE C 46 -1.12 -4.52 -2.62
CA ILE C 46 -2.14 -5.29 -1.92
C ILE C 46 -2.17 -6.72 -2.43
N ALA C 47 -2.43 -6.88 -3.73
CA ALA C 47 -2.59 -8.21 -4.29
C ALA C 47 -1.36 -9.06 -4.03
N GLU C 48 -0.18 -8.47 -4.16
CA GLU C 48 1.06 -9.22 -3.97
C GLU C 48 1.16 -9.80 -2.57
N GLN C 49 0.79 -9.02 -1.56
CA GLN C 49 0.82 -9.47 -0.18
C GLN C 49 -0.40 -10.31 0.19
N ALA C 50 -1.42 -10.32 -0.66
CA ALA C 50 -2.52 -11.26 -0.48
C ALA C 50 -2.19 -12.65 -1.00
N GLY C 51 -0.94 -12.90 -1.38
CA GLY C 51 -0.53 -14.18 -1.92
C GLY C 51 -0.49 -14.28 -3.43
N ALA C 52 -0.63 -13.16 -4.14
CA ALA C 52 -0.42 -13.17 -5.57
C ALA C 52 1.03 -13.40 -5.90
N ASP C 53 1.25 -14.08 -7.00
CA ASP C 53 2.56 -14.43 -7.48
C ASP C 53 2.97 -13.61 -8.69
N GLY C 54 2.03 -12.89 -9.32
CA GLY C 54 2.38 -11.93 -10.35
C GLY C 54 1.29 -10.90 -10.59
N ILE C 55 1.67 -9.81 -11.27
CA ILE C 55 0.75 -8.73 -11.62
C ILE C 55 0.76 -8.53 -13.12
N THR C 56 -0.40 -8.66 -13.75
CA THR C 56 -0.56 -8.36 -15.18
C THR C 56 -1.11 -6.96 -15.38
N VAL C 57 -0.53 -6.22 -16.33
CA VAL C 57 -1.12 -4.98 -16.83
C VAL C 57 -1.07 -4.98 -18.35
N HIS C 58 -2.20 -4.70 -18.97
CA HIS C 58 -2.34 -4.71 -20.43
C HIS C 58 -2.15 -3.28 -20.90
N LEU C 59 -0.93 -2.97 -21.33
CA LEU C 59 -0.67 -1.68 -21.96
C LEU C 59 -1.26 -1.68 -23.35
N ARG C 60 -2.50 -1.21 -23.47
CA ARG C 60 -3.09 -0.97 -24.76
C ARG C 60 -2.63 0.37 -25.29
N GLU C 61 -2.73 0.55 -26.62
CA GLU C 61 -2.29 1.79 -27.22
C GLU C 61 -3.33 2.90 -27.07
N ASP C 62 -4.56 2.54 -26.73
CA ASP C 62 -5.53 3.53 -26.23
C ASP C 62 -4.95 4.34 -25.09
N ARG C 63 -4.21 3.69 -24.19
CA ARG C 63 -3.99 4.20 -22.84
C ARG C 63 -5.32 4.50 -22.15
N ARG C 64 -6.41 3.85 -22.60
CA ARG C 64 -7.68 3.98 -21.91
C ARG C 64 -7.51 3.64 -20.45
N HIS C 65 -6.78 2.56 -20.20
CA HIS C 65 -6.63 1.98 -18.88
C HIS C 65 -5.21 2.16 -18.40
N ILE C 66 -4.43 1.08 -18.35
CA ILE C 66 -3.08 1.20 -17.84
C ILE C 66 -2.34 2.20 -18.72
N THR C 67 -1.72 3.19 -18.07
CA THR C 67 -0.95 4.24 -18.70
C THR C 67 0.53 3.97 -18.55
N ASP C 68 1.32 4.69 -19.36
CA ASP C 68 2.76 4.52 -19.35
C ASP C 68 3.33 4.77 -17.95
N ARG C 69 2.78 5.76 -17.24
CA ARG C 69 3.19 5.94 -15.87
C ARG C 69 3.06 4.63 -15.09
N ASP C 70 1.88 4.04 -15.10
CA ASP C 70 1.63 2.82 -14.34
C ASP C 70 2.70 1.79 -14.61
N VAL C 71 3.02 1.57 -15.88
CA VAL C 71 4.05 0.60 -16.17
C VAL C 71 5.39 1.10 -15.66
N ARG C 72 5.66 2.39 -15.79
CA ARG C 72 6.98 2.89 -15.42
C ARG C 72 7.23 2.71 -13.94
N ILE C 73 6.19 2.92 -13.15
CA ILE C 73 6.29 2.83 -11.70
C ILE C 73 6.19 1.40 -11.24
N LEU C 74 5.13 0.70 -11.67
CA LEU C 74 4.91 -0.68 -11.24
C LEU C 74 6.15 -1.53 -11.45
N ARG C 75 6.91 -1.25 -12.50
CA ARG C 75 8.16 -1.96 -12.74
C ARG C 75 9.15 -1.73 -11.61
N GLN C 76 9.01 -0.62 -10.86
CA GLN C 76 9.88 -0.26 -9.75
C GLN C 76 9.33 -0.64 -8.38
N THR C 77 8.04 -0.93 -8.30
CA THR C 77 7.39 -1.14 -7.02
C THR C 77 7.05 -2.60 -6.75
N LEU C 78 6.82 -3.39 -7.80
CA LEU C 78 6.45 -4.79 -7.63
C LEU C 78 7.57 -5.54 -6.94
N ASP C 79 7.18 -6.40 -5.96
CA ASP C 79 8.12 -7.31 -5.32
C ASP C 79 8.33 -8.53 -6.18
N THR C 80 7.27 -8.99 -6.84
CA THR C 80 7.32 -10.16 -7.68
C THR C 80 7.66 -9.78 -9.12
N ARG C 81 6.89 -10.32 -10.08
CA ARG C 81 7.17 -10.24 -11.50
C ARG C 81 5.98 -9.66 -12.23
N MET C 82 6.26 -8.77 -13.20
CA MET C 82 5.23 -8.11 -13.99
C MET C 82 4.93 -8.88 -15.27
N ASN C 83 3.65 -9.00 -15.59
CA ASN C 83 3.19 -9.64 -16.83
C ASN C 83 2.69 -8.54 -17.76
N LEU C 84 3.59 -8.02 -18.59
CA LEU C 84 3.21 -6.98 -19.53
C LEU C 84 2.47 -7.64 -20.68
N GLU C 85 1.18 -7.35 -20.80
CA GLU C 85 0.34 -7.89 -21.84
C GLU C 85 0.18 -6.86 -22.93
N MET C 86 0.47 -7.23 -24.18
CA MET C 86 0.57 -6.24 -25.24
C MET C 86 0.22 -6.84 -26.59
N ALA C 87 -0.23 -5.97 -27.48
CA ALA C 87 -0.33 -6.31 -28.89
C ALA C 87 1.07 -6.46 -29.47
N VAL C 88 1.14 -7.00 -30.67
CA VAL C 88 2.45 -7.22 -31.25
C VAL C 88 2.68 -6.22 -32.38
N THR C 89 3.11 -5.02 -31.99
CA THR C 89 3.42 -3.90 -32.86
C THR C 89 4.81 -3.40 -32.51
N GLU C 90 5.29 -2.40 -33.24
CA GLU C 90 6.65 -1.95 -32.97
C GLU C 90 6.73 -1.02 -31.76
N GLU C 91 5.72 -0.17 -31.56
CA GLU C 91 5.67 0.66 -30.35
C GLU C 91 5.75 -0.23 -29.11
N MET C 92 4.85 -1.20 -29.03
CA MET C 92 4.80 -2.10 -27.88
C MET C 92 6.08 -2.93 -27.76
N LEU C 93 6.63 -3.35 -28.90
CA LEU C 93 7.86 -4.14 -28.89
C LEU C 93 9.01 -3.34 -28.29
N ALA C 94 9.09 -2.04 -28.58
CA ALA C 94 10.16 -1.24 -28.03
C ALA C 94 9.97 -1.01 -26.53
N ILE C 95 8.74 -0.66 -26.12
CA ILE C 95 8.48 -0.40 -24.70
C ILE C 95 8.84 -1.61 -23.86
N ALA C 96 8.47 -2.79 -24.34
CA ALA C 96 8.70 -4.02 -23.60
C ALA C 96 10.19 -4.30 -23.44
N VAL C 97 10.95 -4.19 -24.54
CA VAL C 97 12.39 -4.39 -24.43
C VAL C 97 13.01 -3.34 -23.53
N GLU C 98 12.49 -2.10 -23.58
CA GLU C 98 13.02 -1.04 -22.73
C GLU C 98 12.77 -1.35 -21.25
N THR C 99 11.52 -1.66 -20.89
CA THR C 99 11.09 -1.79 -19.49
C THR C 99 11.29 -3.19 -18.91
N LYS C 100 11.79 -4.13 -19.70
CA LYS C 100 12.24 -5.47 -19.28
C LYS C 100 11.34 -6.19 -18.25
N PRO C 101 10.09 -6.44 -18.59
CA PRO C 101 9.27 -7.31 -17.74
C PRO C 101 9.79 -8.73 -17.74
N HIS C 102 9.58 -9.42 -16.62
CA HIS C 102 9.93 -10.83 -16.54
C HIS C 102 9.14 -11.65 -17.55
N PHE C 103 7.88 -11.27 -17.77
CA PHE C 103 6.95 -11.94 -18.68
C PHE C 103 6.39 -10.93 -19.68
N CYS C 104 5.56 -11.45 -20.59
CA CYS C 104 5.08 -10.72 -21.76
C CYS C 104 4.05 -11.58 -22.44
N CYS C 105 2.83 -11.09 -22.63
CA CYS C 105 1.74 -11.91 -23.13
C CYS C 105 1.21 -11.28 -24.40
N LEU C 106 1.57 -11.88 -25.54
CA LEU C 106 1.24 -11.31 -26.84
C LEU C 106 -0.20 -11.59 -27.18
N VAL C 107 -0.92 -10.55 -27.59
CA VAL C 107 -2.37 -10.63 -27.74
C VAL C 107 -2.79 -9.96 -29.04
N PRO C 108 -3.98 -10.28 -29.47
CA PRO C 108 -4.58 -9.67 -30.62
C PRO C 108 -5.16 -8.35 -30.23
N GLU C 109 -5.50 -7.55 -31.22
CA GLU C 109 -6.08 -6.24 -31.01
C GLU C 109 -6.91 -5.89 -32.23
N LYS C 110 -6.24 -5.78 -33.37
CA LYS C 110 -6.89 -5.50 -34.65
C LYS C 110 -7.39 -6.82 -35.19
N ARG C 111 -8.23 -6.80 -36.20
CA ARG C 111 -8.75 -8.08 -36.71
C ARG C 111 -7.88 -8.85 -37.70
N GLN C 112 -6.60 -8.48 -37.83
CA GLN C 112 -5.68 -9.15 -38.74
C GLN C 112 -5.01 -10.36 -38.11
N GLU C 113 -5.30 -10.61 -36.83
CA GLU C 113 -4.70 -11.73 -36.14
C GLU C 113 -5.55 -12.23 -35.00
N VAL C 114 -6.82 -12.52 -35.27
CA VAL C 114 -7.71 -12.99 -34.22
C VAL C 114 -8.76 -13.97 -34.70
N THR C 115 -8.82 -15.11 -34.04
CA THR C 115 -9.77 -16.15 -34.38
C THR C 115 -11.21 -15.89 -33.97
N THR C 116 -12.04 -16.88 -34.21
CA THR C 116 -13.44 -16.75 -33.89
C THR C 116 -13.62 -16.52 -32.42
N GLU C 117 -13.15 -17.44 -31.56
CA GLU C 117 -13.31 -17.20 -30.13
C GLU C 117 -12.49 -15.97 -29.80
N GLY C 118 -11.27 -15.88 -30.30
CA GLY C 118 -10.53 -14.65 -30.10
C GLY C 118 -9.07 -14.61 -29.73
N GLY C 119 -8.33 -15.67 -29.93
CA GLY C 119 -6.96 -15.62 -29.53
C GLY C 119 -6.01 -15.07 -30.55
N LEU C 120 -4.74 -15.24 -30.31
CA LEU C 120 -3.75 -14.79 -31.22
C LEU C 120 -3.70 -15.79 -32.34
N ASP C 121 -3.36 -15.32 -33.53
CA ASP C 121 -3.32 -16.16 -34.74
C ASP C 121 -1.86 -16.43 -35.10
N VAL C 122 -1.24 -17.31 -34.32
CA VAL C 122 0.18 -17.60 -34.49
C VAL C 122 0.43 -18.30 -35.82
N ALA C 123 -0.46 -19.20 -36.23
CA ALA C 123 -0.24 -19.93 -37.47
C ALA C 123 -0.35 -19.04 -38.70
N GLY C 124 -1.01 -17.88 -38.57
CA GLY C 124 -1.28 -17.01 -39.70
C GLY C 124 -0.24 -15.92 -39.93
N GLN C 125 0.46 -15.52 -38.87
CA GLN C 125 1.62 -14.63 -39.01
C GLN C 125 2.84 -15.28 -38.39
N ARG C 126 3.16 -16.50 -38.84
CA ARG C 126 4.27 -17.25 -38.24
C ARG C 126 5.59 -16.49 -38.35
N ASP C 127 5.78 -15.72 -39.43
CA ASP C 127 6.98 -14.90 -39.56
C ASP C 127 7.00 -13.79 -38.51
N LYS C 128 5.86 -13.11 -38.35
CA LYS C 128 5.76 -11.96 -37.45
C LYS C 128 6.09 -12.33 -36.01
N MET C 129 5.68 -13.52 -35.57
CA MET C 129 5.82 -13.90 -34.18
C MET C 129 7.24 -14.32 -33.85
N ARG C 130 7.83 -15.23 -34.64
CA ARG C 130 9.16 -15.71 -34.28
C ARG C 130 10.16 -14.57 -34.28
N ASP C 131 9.90 -13.49 -35.02
CA ASP C 131 10.77 -12.33 -34.99
C ASP C 131 10.61 -11.56 -33.69
N ALA C 132 9.35 -11.28 -33.32
CA ALA C 132 9.05 -10.68 -32.04
C ALA C 132 9.60 -11.52 -30.89
N CYS C 133 9.46 -12.83 -30.98
CA CYS C 133 9.80 -13.71 -29.86
C CYS C 133 11.30 -13.67 -29.57
N LYS C 134 12.12 -13.62 -30.63
CA LYS C 134 13.56 -13.51 -30.45
C LYS C 134 13.96 -12.10 -30.00
N ARG C 135 13.26 -11.05 -30.46
CA ARG C 135 13.53 -9.71 -29.97
C ARG C 135 13.20 -9.58 -28.49
N LEU C 136 12.10 -10.21 -28.07
CA LEU C 136 11.69 -10.20 -26.67
C LEU C 136 12.40 -11.24 -25.82
N ALA C 137 13.03 -12.26 -26.41
CA ALA C 137 14.10 -12.91 -25.67
C ALA C 137 15.28 -11.94 -25.71
N ASP C 138 16.51 -12.42 -25.74
CA ASP C 138 17.66 -11.51 -25.76
C ASP C 138 17.54 -10.53 -24.60
N ALA C 139 16.69 -9.51 -24.76
CA ALA C 139 16.17 -8.75 -23.63
C ALA C 139 15.36 -9.70 -22.77
N GLY C 140 15.84 -10.04 -21.57
CA GLY C 140 15.48 -11.31 -20.96
C GLY C 140 14.03 -11.62 -20.66
N ILE C 141 13.12 -11.47 -21.62
CA ILE C 141 11.68 -11.53 -21.37
C ILE C 141 11.20 -12.91 -21.79
N GLN C 142 10.69 -13.70 -20.87
CA GLN C 142 10.08 -14.98 -21.23
C GLN C 142 8.71 -14.69 -21.85
N VAL C 143 8.56 -14.97 -23.14
CA VAL C 143 7.36 -14.57 -23.87
C VAL C 143 6.34 -15.69 -23.81
N SER C 144 5.08 -15.30 -23.78
CA SER C 144 3.95 -16.20 -23.88
C SER C 144 3.09 -15.77 -25.05
N LEU C 145 2.32 -16.72 -25.58
CA LEU C 145 1.41 -16.45 -26.69
C LEU C 145 0.00 -16.74 -26.24
N PHE C 146 -0.88 -15.73 -26.33
CA PHE C 146 -2.28 -15.88 -25.93
C PHE C 146 -3.05 -16.46 -27.11
N ILE C 147 -3.23 -17.77 -27.12
CA ILE C 147 -3.86 -18.44 -28.26
C ILE C 147 -5.03 -19.27 -27.76
N ASP C 148 -5.91 -19.66 -28.68
CA ASP C 148 -7.07 -20.48 -28.33
C ASP C 148 -6.64 -21.91 -28.04
N ALA C 149 -7.56 -22.69 -27.46
CA ALA C 149 -7.34 -24.12 -27.23
C ALA C 149 -7.51 -24.90 -28.55
N ASP C 150 -6.69 -24.52 -29.51
CA ASP C 150 -6.74 -24.99 -30.89
C ASP C 150 -5.40 -25.65 -31.20
N GLU C 151 -5.45 -26.85 -31.78
CA GLU C 151 -4.26 -27.68 -31.89
C GLU C 151 -3.31 -27.24 -33.01
N GLU C 152 -3.79 -26.52 -34.03
CA GLU C 152 -2.88 -25.98 -35.05
C GLU C 152 -2.08 -24.80 -34.50
N GLN C 153 -2.73 -23.98 -33.67
CA GLN C 153 -2.06 -22.80 -33.13
C GLN C 153 -1.01 -23.19 -32.08
N ILE C 154 -1.34 -24.16 -31.22
CA ILE C 154 -0.35 -24.64 -30.25
C ILE C 154 0.95 -25.04 -30.94
N LYS C 155 0.85 -25.90 -31.97
CA LYS C 155 2.05 -26.34 -32.70
C LYS C 155 2.79 -25.17 -33.30
N ALA C 156 2.06 -24.22 -33.91
CA ALA C 156 2.69 -23.01 -34.44
C ALA C 156 3.49 -22.32 -33.36
N ALA C 157 2.89 -22.18 -32.18
CA ALA C 157 3.51 -21.46 -31.07
C ALA C 157 4.80 -22.11 -30.61
N ALA C 158 4.79 -23.44 -30.47
CA ALA C 158 5.98 -24.10 -29.94
C ALA C 158 7.13 -24.13 -30.94
N LYS C 159 6.88 -23.83 -32.20
CA LYS C 159 7.94 -23.75 -33.20
C LYS C 159 8.40 -22.34 -33.45
N VAL C 160 7.47 -21.39 -33.36
CA VAL C 160 7.80 -19.97 -33.36
C VAL C 160 8.83 -19.64 -32.30
N GLY C 161 8.80 -20.37 -31.19
CA GLY C 161 9.92 -20.37 -30.27
C GLY C 161 9.56 -19.86 -28.89
N ALA C 162 8.26 -19.71 -28.63
CA ALA C 162 7.93 -19.09 -27.36
C ALA C 162 7.93 -20.12 -26.24
N PRO C 163 8.40 -19.73 -25.03
CA PRO C 163 8.42 -20.66 -23.90
C PRO C 163 7.06 -20.97 -23.26
N PHE C 164 6.11 -20.04 -23.31
CA PHE C 164 4.80 -20.24 -22.73
C PHE C 164 3.71 -20.02 -23.76
N ILE C 165 2.56 -20.58 -23.46
CA ILE C 165 1.31 -20.11 -24.01
C ILE C 165 0.37 -19.82 -22.84
N GLU C 166 -0.57 -18.92 -23.07
CA GLU C 166 -1.71 -18.77 -22.18
C GLU C 166 -2.94 -19.20 -22.97
N ILE C 167 -3.68 -20.18 -22.43
CA ILE C 167 -4.85 -20.73 -23.08
C ILE C 167 -6.02 -19.76 -22.84
N HIS C 168 -6.78 -19.51 -23.90
CA HIS C 168 -7.98 -18.67 -23.83
C HIS C 168 -9.12 -19.54 -23.31
N THR C 169 -9.40 -19.41 -22.02
CA THR C 169 -10.50 -20.13 -21.40
C THR C 169 -11.80 -19.35 -21.58
N GLY C 170 -11.82 -18.48 -22.59
CA GLY C 170 -13.03 -17.76 -22.96
C GLY C 170 -14.28 -18.63 -23.02
N CYS C 171 -14.44 -19.39 -24.11
CA CYS C 171 -15.69 -20.14 -24.30
C CYS C 171 -15.94 -21.15 -23.19
N TYR C 172 -14.89 -21.53 -22.45
CA TYR C 172 -15.07 -22.39 -21.29
C TYR C 172 -15.87 -21.68 -20.18
N ALA C 173 -15.78 -20.39 -20.12
CA ALA C 173 -16.46 -19.71 -19.06
C ALA C 173 -17.82 -19.28 -19.49
N ASP C 174 -18.00 -19.14 -20.77
CA ASP C 174 -19.26 -18.73 -21.30
C ASP C 174 -20.32 -19.79 -21.14
N ALA C 175 -19.88 -21.03 -21.19
CA ALA C 175 -20.73 -22.20 -21.05
C ALA C 175 -21.79 -21.98 -20.04
N LYS C 176 -23.01 -22.33 -20.37
CA LYS C 176 -24.11 -22.10 -19.46
C LYS C 176 -24.80 -23.34 -19.00
N THR C 177 -24.24 -24.49 -19.30
CA THR C 177 -24.82 -25.72 -18.89
C THR C 177 -23.73 -26.62 -18.51
N ASP C 178 -24.03 -27.60 -17.68
CA ASP C 178 -23.05 -28.57 -17.27
C ASP C 178 -22.53 -29.35 -18.45
N ALA C 179 -23.39 -29.67 -19.39
CA ALA C 179 -22.99 -30.36 -20.58
C ALA C 179 -21.89 -29.64 -21.30
N GLU C 180 -22.17 -28.43 -21.76
CA GLU C 180 -21.20 -27.66 -22.52
C GLU C 180 -19.95 -27.33 -21.76
N GLN C 181 -20.12 -27.07 -20.48
CA GLN C 181 -19.03 -26.73 -19.63
C GLN C 181 -17.98 -27.77 -19.72
N ALA C 182 -18.33 -29.02 -19.51
CA ALA C 182 -17.31 -30.04 -19.58
C ALA C 182 -16.74 -30.27 -20.94
N GLN C 183 -17.49 -30.00 -21.97
CA GLN C 183 -16.97 -30.17 -23.29
C GLN C 183 -15.78 -29.28 -23.47
N GLU C 184 -15.83 -28.06 -22.96
CA GLU C 184 -14.72 -27.14 -23.18
C GLU C 184 -13.58 -27.36 -22.20
N LEU C 185 -13.88 -27.81 -20.98
CA LEU C 185 -12.82 -28.11 -20.01
C LEU C 185 -11.85 -29.10 -20.60
N ALA C 186 -12.39 -30.16 -21.23
CA ALA C 186 -11.57 -31.19 -21.82
C ALA C 186 -10.80 -30.68 -23.03
N ARG C 187 -11.40 -29.77 -23.81
CA ARG C 187 -10.64 -29.12 -24.88
C ARG C 187 -9.41 -28.39 -24.33
N ILE C 188 -9.50 -27.93 -23.08
CA ILE C 188 -8.38 -27.25 -22.42
C ILE C 188 -7.37 -28.25 -21.89
N ALA C 189 -7.86 -29.27 -21.19
CA ALA C 189 -6.97 -30.33 -20.71
C ALA C 189 -6.23 -30.97 -21.87
N LYS C 190 -6.90 -31.15 -23.01
CA LYS C 190 -6.23 -31.69 -24.19
C LYS C 190 -5.19 -30.71 -24.71
N ALA C 191 -5.57 -29.44 -24.83
CA ALA C 191 -4.63 -28.42 -25.26
C ALA C 191 -3.40 -28.34 -24.36
N ALA C 192 -3.59 -28.60 -23.06
CA ALA C 192 -2.51 -28.43 -22.08
C ALA C 192 -1.51 -29.58 -22.09
N THR C 193 -2.00 -30.82 -22.01
CA THR C 193 -1.12 -31.98 -22.12
C THR C 193 -0.42 -32.00 -23.47
N PHE C 194 -1.14 -31.63 -24.53
CA PHE C 194 -0.51 -31.53 -25.85
C PHE C 194 0.52 -30.42 -25.88
N ALA C 195 0.20 -29.24 -25.31
CA ALA C 195 1.17 -28.16 -25.31
C ALA C 195 2.39 -28.50 -24.48
N ALA C 196 2.20 -29.26 -23.39
CA ALA C 196 3.34 -29.64 -22.56
C ALA C 196 4.29 -30.56 -23.31
N SER C 197 3.75 -31.53 -24.05
CA SER C 197 4.60 -32.49 -24.76
C SER C 197 5.40 -31.82 -25.85
N LEU C 198 4.91 -30.69 -26.38
CA LEU C 198 5.71 -29.92 -27.33
C LEU C 198 6.78 -29.10 -26.64
N GLY C 199 6.84 -29.15 -25.32
CA GLY C 199 7.84 -28.44 -24.57
C GLY C 199 7.46 -27.06 -24.11
N LEU C 200 6.18 -26.78 -23.95
CA LEU C 200 5.70 -25.49 -23.51
C LEU C 200 5.27 -25.54 -22.05
N LYS C 201 5.40 -24.41 -21.39
CA LYS C 201 4.77 -24.19 -20.10
C LYS C 201 3.40 -23.58 -20.36
N VAL C 202 2.40 -24.00 -19.59
CA VAL C 202 1.00 -23.74 -19.95
C VAL C 202 0.35 -22.87 -18.88
N ASN C 203 0.06 -21.62 -19.22
CA ASN C 203 -0.79 -20.72 -18.43
C ASN C 203 -2.21 -20.74 -19.01
N ALA C 204 -3.14 -20.15 -18.27
CA ALA C 204 -4.49 -19.85 -18.78
C ALA C 204 -5.13 -18.90 -17.79
N GLY C 205 -6.36 -18.50 -18.09
CA GLY C 205 -7.15 -17.93 -17.03
C GLY C 205 -8.13 -16.87 -17.45
N HIS C 206 -8.01 -16.36 -18.66
CA HIS C 206 -8.89 -15.26 -19.02
C HIS C 206 -10.35 -15.71 -19.01
N GLY C 207 -11.10 -15.22 -18.05
CA GLY C 207 -12.50 -15.56 -17.91
C GLY C 207 -12.82 -16.36 -16.68
N LEU C 208 -11.82 -16.87 -15.98
CA LEU C 208 -12.05 -17.73 -14.83
C LEU C 208 -12.68 -16.96 -13.66
N THR C 209 -13.41 -17.69 -12.83
CA THR C 209 -14.15 -17.12 -11.73
C THR C 209 -14.04 -18.04 -10.53
N TYR C 210 -14.51 -17.57 -9.39
CA TYR C 210 -14.51 -18.41 -8.21
C TYR C 210 -15.36 -19.67 -8.36
N ARG C 211 -16.09 -19.86 -9.45
CA ARG C 211 -16.74 -21.14 -9.71
C ARG C 211 -16.12 -21.90 -10.87
N ASN C 212 -15.39 -21.23 -11.77
CA ASN C 212 -14.72 -21.89 -12.88
C ASN C 212 -13.37 -22.48 -12.48
N VAL C 213 -12.73 -21.90 -11.48
CA VAL C 213 -11.28 -21.98 -11.45
C VAL C 213 -10.81 -23.37 -11.01
N LYS C 214 -11.55 -24.05 -10.16
CA LYS C 214 -11.05 -25.28 -9.56
C LYS C 214 -10.80 -26.35 -10.63
N ALA C 215 -11.76 -26.52 -11.53
CA ALA C 215 -11.59 -27.48 -12.62
C ALA C 215 -10.35 -27.17 -13.46
N ILE C 216 -10.05 -25.88 -13.63
CA ILE C 216 -8.86 -25.52 -14.39
C ILE C 216 -7.61 -25.71 -13.57
N ALA C 217 -7.69 -25.44 -12.26
CA ALA C 217 -6.53 -25.61 -11.40
C ALA C 217 -6.16 -27.08 -11.24
N ALA C 218 -7.15 -27.96 -11.29
CA ALA C 218 -6.87 -29.39 -11.24
C ALA C 218 -6.02 -29.86 -12.41
N ILE C 219 -6.14 -29.21 -13.57
CA ILE C 219 -5.25 -29.51 -14.70
C ILE C 219 -3.80 -29.34 -14.28
N PRO C 220 -3.00 -30.41 -14.27
CA PRO C 220 -1.65 -30.34 -13.71
C PRO C 220 -0.56 -29.77 -14.60
N GLU C 221 -0.78 -29.70 -15.92
CA GLU C 221 0.12 -28.94 -16.77
C GLU C 221 0.12 -27.46 -16.40
N MET C 222 -0.92 -26.98 -15.72
CA MET C 222 -1.09 -25.56 -15.44
C MET C 222 0.04 -25.03 -14.58
N HIS C 223 0.57 -23.87 -14.99
CA HIS C 223 1.68 -23.18 -14.33
C HIS C 223 1.20 -21.96 -13.56
N GLU C 224 0.55 -21.02 -14.24
CA GLU C 224 0.01 -19.82 -13.63
C GLU C 224 -1.40 -19.58 -14.17
N LEU C 225 -2.22 -18.92 -13.36
CA LEU C 225 -3.54 -18.50 -13.77
C LEU C 225 -3.60 -16.98 -13.66
N ASN C 226 -3.84 -16.30 -14.78
CA ASN C 226 -4.02 -14.85 -14.80
C ASN C 226 -5.51 -14.56 -14.76
N ILE C 227 -6.01 -14.31 -13.57
CA ILE C 227 -7.39 -13.87 -13.38
C ILE C 227 -7.42 -12.37 -13.12
N GLY C 228 -8.37 -11.69 -13.76
CA GLY C 228 -8.53 -10.26 -13.61
C GLY C 228 -9.93 -9.89 -13.16
N HIS C 229 -10.83 -9.69 -14.13
CA HIS C 229 -12.16 -9.16 -13.88
C HIS C 229 -12.81 -9.78 -12.65
N ALA C 230 -12.83 -11.10 -12.56
CA ALA C 230 -13.61 -11.77 -11.52
C ALA C 230 -13.13 -11.40 -10.11
N ILE C 231 -11.84 -11.13 -9.93
CA ILE C 231 -11.30 -10.83 -8.60
C ILE C 231 -11.60 -9.40 -8.19
N ILE C 232 -11.32 -8.43 -9.07
CA ILE C 232 -11.74 -7.04 -8.87
C ILE C 232 -13.22 -6.98 -8.54
N GLY C 233 -14.02 -7.78 -9.25
CA GLY C 233 -15.40 -8.04 -8.91
C GLY C 233 -15.62 -8.37 -7.45
N ARG C 234 -15.09 -9.49 -6.97
CA ARG C 234 -15.37 -9.83 -5.58
C ARG C 234 -14.82 -8.80 -4.60
N ALA C 235 -13.81 -8.02 -5.00
CA ALA C 235 -13.14 -7.16 -4.04
C ALA C 235 -14.01 -5.99 -3.67
N VAL C 236 -14.88 -5.56 -4.58
CA VAL C 236 -15.79 -4.47 -4.22
C VAL C 236 -16.60 -4.84 -2.99
N LEU C 237 -16.87 -6.13 -2.79
CA LEU C 237 -17.55 -6.60 -1.59
C LEU C 237 -16.60 -6.87 -0.44
N THR C 238 -15.44 -7.49 -0.70
CA THR C 238 -14.60 -8.00 0.37
C THR C 238 -13.30 -7.23 0.56
N GLY C 239 -12.94 -6.36 -0.36
CA GLY C 239 -11.59 -5.82 -0.38
C GLY C 239 -10.69 -6.65 -1.26
N LEU C 240 -9.73 -5.98 -1.90
CA LEU C 240 -8.88 -6.66 -2.88
C LEU C 240 -8.01 -7.74 -2.23
N LYS C 241 -7.60 -7.52 -0.98
CA LYS C 241 -6.79 -8.52 -0.30
C LYS C 241 -7.56 -9.83 -0.14
N VAL C 242 -8.80 -9.74 0.31
CA VAL C 242 -9.58 -10.95 0.54
C VAL C 242 -9.87 -11.66 -0.77
N ALA C 243 -10.34 -10.93 -1.78
CA ALA C 243 -10.64 -11.59 -3.05
C ALA C 243 -9.43 -12.37 -3.56
N VAL C 244 -8.23 -11.84 -3.35
CA VAL C 244 -7.04 -12.53 -3.83
C VAL C 244 -6.70 -13.72 -2.95
N ALA C 245 -6.72 -13.58 -1.62
CA ALA C 245 -6.36 -14.73 -0.77
C ALA C 245 -7.33 -15.88 -0.96
N GLU C 246 -8.56 -15.56 -1.36
CA GLU C 246 -9.57 -16.56 -1.64
C GLU C 246 -9.33 -17.24 -2.97
N MET C 247 -8.87 -16.51 -3.96
CA MET C 247 -8.56 -17.13 -5.24
C MET C 247 -7.33 -18.01 -5.14
N LYS C 248 -6.28 -17.51 -4.48
CA LYS C 248 -5.10 -18.33 -4.31
C LYS C 248 -5.47 -19.59 -3.56
N ARG C 249 -6.49 -19.51 -2.71
CA ARG C 249 -6.84 -20.63 -1.85
C ARG C 249 -7.63 -21.70 -2.61
N LEU C 250 -8.63 -21.28 -3.39
CA LEU C 250 -9.30 -22.25 -4.25
C LEU C 250 -8.32 -22.97 -5.16
N MET C 251 -7.30 -22.27 -5.64
CA MET C 251 -6.30 -22.90 -6.49
C MET C 251 -5.44 -23.89 -5.70
N LEU C 252 -5.05 -23.55 -4.48
CA LEU C 252 -4.29 -24.49 -3.65
C LEU C 252 -5.05 -25.77 -3.41
N GLU C 253 -6.35 -25.67 -3.18
CA GLU C 253 -7.08 -26.90 -2.85
C GLU C 253 -7.51 -27.66 -4.08
N ALA C 254 -7.38 -27.09 -5.25
CA ALA C 254 -7.64 -27.86 -6.46
C ALA C 254 -6.46 -28.72 -6.83
N ARG C 255 -5.42 -28.73 -6.01
CA ARG C 255 -4.26 -29.60 -6.20
C ARG C 255 -3.77 -30.06 -4.84
N GLY C 256 -4.68 -30.55 -4.01
CA GLY C 256 -4.34 -31.00 -2.68
C GLY C 256 -5.25 -32.11 -2.21
N ALA D 15 -27.98 11.02 13.14
CA ALA D 15 -27.45 11.46 11.86
C ALA D 15 -27.61 12.98 11.62
N GLU D 16 -28.85 13.46 11.53
CA GLU D 16 -29.19 14.81 11.06
C GLU D 16 -28.84 14.95 9.58
N LEU D 17 -27.54 14.84 9.27
CA LEU D 17 -27.05 14.80 7.89
C LEU D 17 -27.12 13.38 7.34
N LEU D 18 -27.34 13.29 6.04
CA LEU D 18 -27.54 12.01 5.37
C LEU D 18 -26.47 11.77 4.32
N LEU D 19 -26.23 10.48 4.06
CA LEU D 19 -25.31 10.01 3.03
C LEU D 19 -26.07 9.22 1.98
N GLY D 20 -25.98 9.68 0.74
CA GLY D 20 -26.59 9.00 -0.38
C GLY D 20 -25.49 8.31 -1.16
N VAL D 21 -25.66 7.03 -1.35
CA VAL D 21 -24.69 6.26 -2.09
C VAL D 21 -25.17 5.93 -3.45
N ASN D 22 -24.40 6.31 -4.42
CA ASN D 22 -24.76 6.07 -5.76
C ASN D 22 -24.14 4.81 -6.19
N ILE D 23 -24.91 3.76 -6.30
CA ILE D 23 -24.35 2.53 -6.73
C ILE D 23 -24.46 2.43 -8.23
N ASP D 24 -23.65 3.18 -8.94
CA ASP D 24 -23.68 3.09 -10.35
C ASP D 24 -23.09 1.74 -10.56
N HIS D 25 -21.91 1.50 -10.00
CA HIS D 25 -21.33 0.17 -10.13
C HIS D 25 -21.02 -0.48 -8.78
N ASP D 39 -25.48 -8.74 -7.16
CA ASP D 39 -25.07 -7.41 -6.82
C ASP D 39 -26.32 -6.59 -6.70
N PRO D 40 -26.37 -5.39 -7.27
CA PRO D 40 -27.47 -4.44 -7.17
C PRO D 40 -28.21 -4.44 -5.86
N VAL D 41 -29.11 -5.35 -5.61
CA VAL D 41 -29.80 -5.31 -4.34
C VAL D 41 -28.93 -5.65 -3.17
N GLN D 42 -27.90 -6.43 -3.36
CA GLN D 42 -27.05 -6.74 -2.26
C GLN D 42 -26.17 -5.57 -2.00
N ALA D 43 -25.82 -4.83 -3.03
CA ALA D 43 -25.00 -3.69 -2.84
C ALA D 43 -25.73 -2.74 -2.00
N ALA D 44 -26.95 -2.44 -2.36
CA ALA D 44 -27.74 -1.51 -1.62
C ALA D 44 -27.90 -1.86 -0.17
N PHE D 45 -28.12 -3.12 0.16
CA PHE D 45 -28.31 -3.46 1.54
C PHE D 45 -27.02 -3.32 2.27
N ILE D 46 -25.95 -3.70 1.62
CA ILE D 46 -24.67 -3.61 2.22
C ILE D 46 -24.36 -2.20 2.54
N ALA D 47 -24.85 -1.29 1.76
CA ALA D 47 -24.57 0.11 2.04
C ALA D 47 -25.51 0.67 3.09
N GLU D 48 -26.79 0.32 3.03
CA GLU D 48 -27.71 0.76 4.06
C GLU D 48 -27.23 0.30 5.44
N GLN D 49 -26.95 -1.00 5.57
CA GLN D 49 -26.50 -1.54 6.85
C GLN D 49 -25.14 -1.00 7.26
N ALA D 50 -24.44 -0.32 6.36
CA ALA D 50 -23.18 0.36 6.62
C ALA D 50 -23.38 1.81 6.95
N GLY D 51 -24.62 2.28 7.03
CA GLY D 51 -24.88 3.65 7.40
C GLY D 51 -25.36 4.53 6.28
N ALA D 52 -25.56 4.00 5.08
CA ALA D 52 -26.18 4.78 4.04
C ALA D 52 -27.62 5.09 4.40
N ASP D 53 -28.05 6.29 4.02
CA ASP D 53 -29.40 6.75 4.30
C ASP D 53 -30.28 6.77 3.05
N GLY D 54 -29.71 6.57 1.87
CA GLY D 54 -30.47 6.46 0.64
C GLY D 54 -29.57 6.04 -0.49
N ILE D 55 -30.19 5.46 -1.52
CA ILE D 55 -29.44 4.84 -2.62
C ILE D 55 -29.85 5.46 -3.95
N THR D 56 -28.86 5.72 -4.80
CA THR D 56 -29.03 6.53 -6.00
C THR D 56 -28.67 5.74 -7.27
N VAL D 57 -29.49 5.90 -8.33
CA VAL D 57 -29.21 5.27 -9.63
C VAL D 57 -29.40 6.28 -10.77
N HIS D 58 -28.56 6.17 -11.79
CA HIS D 58 -28.47 7.10 -12.92
C HIS D 58 -29.15 6.48 -14.15
N LEU D 59 -29.72 7.34 -15.01
CA LEU D 59 -30.57 6.86 -16.12
C LEU D 59 -29.82 6.19 -17.29
N ARG D 69 -31.57 -4.08 -16.42
CA ARG D 69 -31.98 -2.90 -15.70
C ARG D 69 -33.09 -3.27 -14.75
N ASP D 70 -34.10 -2.40 -14.71
CA ASP D 70 -35.30 -2.48 -13.88
C ASP D 70 -35.07 -2.30 -12.41
N VAL D 71 -35.55 -1.16 -11.92
CA VAL D 71 -35.39 -0.74 -10.55
C VAL D 71 -36.48 -1.23 -9.69
N ARG D 72 -37.60 -1.56 -10.32
CA ARG D 72 -38.83 -2.00 -9.66
C ARG D 72 -38.68 -2.84 -8.42
N ILE D 73 -37.88 -3.87 -8.53
CA ILE D 73 -37.61 -4.69 -7.42
C ILE D 73 -36.96 -3.82 -6.37
N LEU D 74 -36.09 -2.90 -6.77
CA LEU D 74 -35.42 -2.15 -5.71
C LEU D 74 -36.40 -1.37 -4.84
N ARG D 75 -37.33 -0.64 -5.46
CA ARG D 75 -38.24 0.23 -4.68
C ARG D 75 -38.97 -0.54 -3.60
N GLN D 76 -39.16 -1.85 -3.79
CA GLN D 76 -39.80 -2.72 -2.81
C GLN D 76 -38.92 -2.88 -1.56
N THR D 77 -37.82 -3.63 -1.71
CA THR D 77 -36.94 -4.00 -0.61
C THR D 77 -36.52 -2.84 0.30
N LEU D 78 -35.61 -1.97 -0.19
CA LEU D 78 -34.99 -0.85 0.51
C LEU D 78 -35.60 -0.45 1.85
N ASP D 79 -34.84 -0.66 2.94
CA ASP D 79 -35.22 -0.27 4.29
C ASP D 79 -34.87 1.18 4.61
N THR D 80 -34.62 1.97 3.57
CA THR D 80 -34.61 3.43 3.64
C THR D 80 -35.51 3.96 2.52
N ARG D 81 -34.88 4.53 1.49
CA ARG D 81 -35.53 4.78 0.22
C ARG D 81 -34.53 5.24 -0.83
N MET D 82 -35.04 5.52 -2.02
CA MET D 82 -34.22 5.55 -3.21
C MET D 82 -34.46 6.84 -3.98
N ASN D 83 -33.43 7.31 -4.68
CA ASN D 83 -33.60 8.43 -5.59
C ASN D 83 -33.02 8.11 -6.97
N LEU D 84 -33.57 8.79 -7.96
CA LEU D 84 -33.40 8.50 -9.37
C LEU D 84 -32.71 9.68 -10.03
N GLU D 85 -31.51 9.46 -10.55
CA GLU D 85 -30.82 10.48 -11.33
C GLU D 85 -31.26 10.35 -12.79
N MET D 86 -31.76 11.42 -13.37
CA MET D 86 -32.29 11.31 -14.71
C MET D 86 -32.29 12.66 -15.42
N ALA D 87 -32.12 12.59 -16.75
CA ALA D 87 -32.34 13.72 -17.63
C ALA D 87 -33.82 13.84 -17.95
N VAL D 88 -34.26 15.08 -18.16
CA VAL D 88 -35.68 15.38 -18.31
C VAL D 88 -36.12 15.06 -19.74
N THR D 89 -35.98 13.80 -20.15
CA THR D 89 -36.64 13.30 -21.35
C THR D 89 -37.80 12.44 -20.90
N GLU D 90 -38.92 12.56 -21.58
CA GLU D 90 -40.12 11.90 -21.08
C GLU D 90 -40.19 10.42 -21.46
N GLU D 91 -39.17 9.85 -22.12
CA GLU D 91 -38.97 8.42 -21.99
C GLU D 91 -38.62 8.06 -20.56
N MET D 92 -37.87 8.93 -19.89
CA MET D 92 -37.41 8.79 -18.52
C MET D 92 -38.34 9.45 -17.53
N LEU D 93 -38.88 10.63 -17.86
CA LEU D 93 -39.96 11.19 -17.06
C LEU D 93 -41.09 10.18 -16.93
N ALA D 94 -41.34 9.42 -17.99
CA ALA D 94 -42.36 8.38 -17.93
C ALA D 94 -42.01 7.34 -16.87
N ILE D 95 -40.77 6.83 -16.90
CA ILE D 95 -40.35 5.87 -15.88
C ILE D 95 -40.53 6.46 -14.50
N ALA D 96 -40.02 7.68 -14.30
CA ALA D 96 -40.04 8.26 -12.97
C ALA D 96 -41.45 8.35 -12.40
N VAL D 97 -42.27 8.59 -13.38
CA VAL D 97 -43.67 8.74 -13.31
C VAL D 97 -44.30 7.43 -12.98
N GLU D 98 -43.67 6.36 -13.39
CA GLU D 98 -44.30 5.07 -13.17
C GLU D 98 -43.68 4.24 -12.12
N THR D 99 -42.45 4.54 -11.79
CA THR D 99 -41.79 3.69 -10.86
C THR D 99 -41.57 4.40 -9.59
N LYS D 100 -42.62 5.07 -9.15
CA LYS D 100 -42.71 5.86 -7.95
C LYS D 100 -41.68 5.70 -6.86
N PRO D 101 -40.68 6.56 -6.88
CA PRO D 101 -39.53 6.71 -6.00
C PRO D 101 -39.85 7.60 -4.84
N HIS D 102 -38.86 8.15 -4.17
CA HIS D 102 -39.09 8.99 -3.01
C HIS D 102 -38.38 10.32 -3.11
N PHE D 103 -37.13 10.31 -3.59
CA PHE D 103 -36.47 11.47 -4.18
C PHE D 103 -36.17 11.17 -5.65
N CYS D 104 -35.80 12.20 -6.39
CA CYS D 104 -35.54 12.02 -7.82
C CYS D 104 -34.76 13.26 -8.29
N CYS D 105 -33.45 13.08 -8.49
CA CYS D 105 -32.55 14.18 -8.80
C CYS D 105 -32.53 14.40 -10.31
N LEU D 106 -33.26 15.39 -10.77
CA LEU D 106 -33.26 15.73 -12.19
C LEU D 106 -31.88 16.27 -12.54
N VAL D 107 -31.09 15.48 -13.25
CA VAL D 107 -29.75 15.93 -13.60
C VAL D 107 -29.66 16.13 -15.11
N PRO D 108 -28.79 17.04 -15.53
CA PRO D 108 -28.61 17.34 -16.96
C PRO D 108 -28.35 16.14 -17.87
N GLU D 109 -28.87 16.25 -19.06
CA GLU D 109 -28.55 15.31 -20.10
C GLU D 109 -27.15 15.74 -20.58
N LYS D 110 -26.41 14.83 -21.17
CA LYS D 110 -25.05 15.16 -21.61
C LYS D 110 -24.86 16.07 -22.84
N ARG D 111 -25.42 17.28 -22.83
CA ARG D 111 -25.31 18.25 -23.95
C ARG D 111 -25.74 19.69 -23.59
N GLN D 112 -27.02 19.87 -23.30
CA GLN D 112 -27.56 21.17 -22.92
C GLN D 112 -28.21 21.02 -21.56
N GLU D 113 -27.54 21.46 -20.49
CA GLU D 113 -28.08 21.27 -19.13
C GLU D 113 -28.04 22.41 -18.15
N VAL D 114 -26.97 22.46 -17.36
CA VAL D 114 -26.84 23.50 -16.35
C VAL D 114 -25.63 24.44 -16.42
N THR D 115 -25.41 25.14 -17.53
CA THR D 115 -24.34 26.12 -17.43
C THR D 115 -22.96 25.58 -17.82
N THR D 116 -21.95 26.45 -17.79
CA THR D 116 -20.60 26.15 -18.28
C THR D 116 -19.82 25.21 -17.37
N GLU D 117 -20.31 24.94 -16.15
CA GLU D 117 -19.58 24.12 -15.21
C GLU D 117 -20.30 22.84 -14.79
N GLY D 118 -21.63 22.83 -14.68
CA GLY D 118 -22.23 21.64 -14.12
C GLY D 118 -23.70 21.33 -14.36
N GLY D 119 -24.60 21.99 -13.62
CA GLY D 119 -25.91 21.44 -13.33
C GLY D 119 -27.09 22.24 -13.85
N LEU D 120 -28.27 21.65 -13.65
CA LEU D 120 -29.49 22.02 -14.34
C LEU D 120 -29.72 23.53 -14.30
N ASP D 121 -29.99 24.10 -15.47
CA ASP D 121 -30.13 25.54 -15.66
C ASP D 121 -31.61 25.80 -15.88
N VAL D 122 -32.30 26.31 -14.85
CA VAL D 122 -33.76 26.43 -14.89
C VAL D 122 -34.22 27.77 -15.45
N ALA D 123 -33.32 28.75 -15.62
CA ALA D 123 -33.70 30.07 -16.10
C ALA D 123 -34.01 30.10 -17.58
N GLY D 124 -33.32 29.30 -18.39
CA GLY D 124 -33.54 29.23 -19.81
C GLY D 124 -34.53 28.20 -20.28
N GLN D 125 -35.11 27.42 -19.35
CA GLN D 125 -36.20 26.48 -19.63
C GLN D 125 -37.16 26.46 -18.44
N ARG D 126 -37.80 27.61 -18.18
CA ARG D 126 -38.59 27.79 -16.95
C ARG D 126 -39.90 27.02 -16.94
N ASP D 127 -40.42 26.64 -18.11
CA ASP D 127 -41.65 25.88 -18.20
C ASP D 127 -41.39 24.37 -18.28
N LYS D 128 -40.33 23.97 -19.01
CA LYS D 128 -39.93 22.58 -19.14
C LYS D 128 -39.81 21.88 -17.80
N MET D 129 -39.48 22.63 -16.75
CA MET D 129 -39.22 22.08 -15.43
C MET D 129 -40.46 21.99 -14.57
N ARG D 130 -41.23 23.08 -14.46
CA ARG D 130 -42.44 23.03 -13.63
C ARG D 130 -43.34 21.90 -14.09
N ASP D 131 -43.52 21.77 -15.41
CA ASP D 131 -44.09 20.57 -16.00
C ASP D 131 -43.50 19.31 -15.37
N ALA D 132 -42.19 19.11 -15.52
CA ALA D 132 -41.55 17.93 -14.92
C ALA D 132 -41.77 17.88 -13.41
N CYS D 133 -41.68 19.02 -12.72
CA CYS D 133 -41.84 19.02 -11.27
C CYS D 133 -43.29 18.85 -10.82
N LYS D 134 -44.26 19.25 -11.65
CA LYS D 134 -45.65 18.91 -11.37
C LYS D 134 -46.04 17.51 -11.86
N ARG D 135 -45.49 17.06 -12.99
CA ARG D 135 -45.69 15.67 -13.43
C ARG D 135 -45.08 14.69 -12.43
N LEU D 136 -43.81 14.89 -12.08
CA LEU D 136 -43.11 14.19 -11.01
C LEU D 136 -43.62 14.56 -9.64
N ALA D 137 -44.65 15.37 -9.49
CA ALA D 137 -45.33 15.50 -8.21
C ALA D 137 -46.46 14.49 -8.16
N ASP D 138 -47.61 14.88 -7.60
CA ASP D 138 -48.74 13.97 -7.51
C ASP D 138 -48.31 12.67 -6.85
N ALA D 139 -47.73 11.76 -7.63
CA ALA D 139 -46.95 10.65 -7.08
C ALA D 139 -45.82 11.24 -6.25
N GLY D 140 -45.85 11.05 -4.94
CA GLY D 140 -44.98 11.76 -4.02
C GLY D 140 -43.49 11.69 -4.29
N ILE D 141 -43.08 12.06 -5.51
CA ILE D 141 -41.68 12.02 -5.93
C ILE D 141 -41.08 13.40 -5.67
N GLN D 142 -40.41 13.58 -4.54
CA GLN D 142 -39.82 14.88 -4.24
C GLN D 142 -38.62 15.12 -5.17
N VAL D 143 -38.74 16.13 -6.02
CA VAL D 143 -37.78 16.35 -7.10
C VAL D 143 -36.69 17.30 -6.61
N SER D 144 -35.44 16.90 -6.76
CA SER D 144 -34.30 17.78 -6.52
C SER D 144 -33.68 18.15 -7.86
N LEU D 145 -33.37 19.43 -8.02
CA LEU D 145 -32.77 19.92 -9.25
C LEU D 145 -31.28 20.12 -9.02
N PHE D 146 -30.48 19.41 -9.81
CA PHE D 146 -29.01 19.41 -9.69
C PHE D 146 -28.48 20.65 -10.37
N ILE D 147 -28.11 21.67 -9.59
CA ILE D 147 -27.82 23.00 -10.12
C ILE D 147 -26.39 23.42 -9.73
N ASP D 148 -25.94 24.54 -10.30
CA ASP D 148 -24.72 25.18 -9.83
C ASP D 148 -25.06 26.12 -8.68
N ALA D 149 -24.05 26.77 -8.13
CA ALA D 149 -24.27 27.71 -7.03
C ALA D 149 -24.33 29.14 -7.58
N ASP D 150 -25.30 29.34 -8.47
CA ASP D 150 -25.48 30.61 -9.18
C ASP D 150 -26.80 31.26 -8.78
N GLU D 151 -26.74 32.53 -8.40
CA GLU D 151 -27.89 33.36 -8.03
C GLU D 151 -29.16 32.99 -8.79
N GLU D 152 -29.07 33.08 -10.12
CA GLU D 152 -30.25 33.01 -10.97
C GLU D 152 -30.89 31.63 -10.94
N GLN D 153 -30.06 30.58 -10.92
CA GLN D 153 -30.60 29.25 -11.11
C GLN D 153 -31.20 28.67 -9.84
N ILE D 154 -30.89 29.23 -8.66
CA ILE D 154 -31.28 28.58 -7.42
C ILE D 154 -32.66 28.98 -6.92
N LYS D 155 -33.18 30.13 -7.35
CA LYS D 155 -34.59 30.43 -7.15
C LYS D 155 -35.39 30.36 -8.44
N ALA D 156 -34.74 30.12 -9.58
CA ALA D 156 -35.51 29.70 -10.73
C ALA D 156 -36.12 28.32 -10.52
N ALA D 157 -35.91 27.66 -9.37
CA ALA D 157 -36.48 26.34 -9.07
C ALA D 157 -37.61 26.42 -8.05
N ALA D 158 -37.39 27.15 -6.95
CA ALA D 158 -38.49 27.41 -6.03
C ALA D 158 -39.64 28.13 -6.72
N LYS D 159 -39.32 28.94 -7.73
CA LYS D 159 -40.33 29.42 -8.68
C LYS D 159 -40.96 28.28 -9.43
N VAL D 160 -40.12 27.41 -9.99
CA VAL D 160 -40.57 26.22 -10.71
C VAL D 160 -41.32 25.21 -9.85
N GLY D 161 -40.99 25.09 -8.58
CA GLY D 161 -41.82 24.28 -7.72
C GLY D 161 -41.16 22.98 -7.35
N ALA D 162 -39.85 23.00 -7.19
CA ALA D 162 -39.07 21.84 -6.77
C ALA D 162 -38.72 21.97 -5.29
N PRO D 163 -38.94 20.95 -4.44
CA PRO D 163 -38.66 21.11 -3.01
C PRO D 163 -37.17 21.04 -2.65
N PHE D 164 -36.39 20.32 -3.45
CA PHE D 164 -35.00 20.05 -3.14
C PHE D 164 -34.09 20.66 -4.20
N ILE D 165 -32.82 20.79 -3.85
CA ILE D 165 -31.76 21.20 -4.76
C ILE D 165 -30.48 20.50 -4.34
N GLU D 166 -29.69 20.07 -5.32
CA GLU D 166 -28.39 19.44 -5.05
C GLU D 166 -27.31 20.32 -5.69
N ILE D 167 -26.48 20.95 -4.85
CA ILE D 167 -25.45 21.87 -5.34
C ILE D 167 -24.33 21.09 -5.99
N HIS D 168 -23.99 21.46 -7.22
CA HIS D 168 -22.80 20.89 -7.83
C HIS D 168 -21.60 21.28 -6.98
N THR D 169 -20.77 20.29 -6.63
CA THR D 169 -19.53 20.53 -5.91
C THR D 169 -18.33 20.28 -6.80
N GLY D 170 -18.54 20.13 -8.10
CA GLY D 170 -17.48 19.80 -9.03
C GLY D 170 -16.28 20.70 -8.93
N CYS D 171 -16.49 22.00 -9.13
CA CYS D 171 -15.37 22.94 -9.13
C CYS D 171 -14.69 23.03 -7.76
N TYR D 172 -15.38 22.67 -6.67
CA TYR D 172 -14.76 22.71 -5.35
C TYR D 172 -13.71 21.62 -5.21
N ALA D 173 -14.01 20.40 -5.66
CA ALA D 173 -13.04 19.31 -5.56
C ALA D 173 -11.86 19.52 -6.48
N ASP D 174 -12.13 19.68 -7.79
CA ASP D 174 -11.11 19.86 -8.81
C ASP D 174 -10.28 21.12 -8.62
N ALA D 175 -10.51 21.87 -7.55
CA ALA D 175 -9.73 23.07 -7.28
C ALA D 175 -8.28 22.72 -7.05
N LYS D 176 -7.39 23.61 -7.50
CA LYS D 176 -5.96 23.36 -7.47
C LYS D 176 -5.33 23.78 -6.15
N THR D 177 -5.59 25.01 -5.69
CA THR D 177 -4.87 25.62 -4.58
C THR D 177 -5.58 25.39 -3.25
N ASP D 178 -4.93 25.84 -2.19
CA ASP D 178 -5.60 26.01 -0.90
C ASP D 178 -6.58 27.17 -0.93
N ALA D 179 -6.27 28.20 -1.71
CA ALA D 179 -7.12 29.36 -1.90
C ALA D 179 -8.44 29.00 -2.56
N GLU D 180 -8.40 28.59 -3.84
CA GLU D 180 -9.61 28.28 -4.60
C GLU D 180 -10.51 27.30 -3.85
N GLN D 181 -9.92 26.26 -3.26
CA GLN D 181 -10.67 25.30 -2.47
C GLN D 181 -11.41 25.99 -1.33
N ALA D 182 -10.66 26.59 -0.41
CA ALA D 182 -11.25 27.21 0.77
C ALA D 182 -12.20 28.37 0.43
N GLN D 183 -12.13 28.90 -0.81
CA GLN D 183 -13.08 29.93 -1.25
C GLN D 183 -14.35 29.34 -1.82
N GLU D 184 -14.25 28.59 -2.92
CA GLU D 184 -15.47 28.05 -3.51
C GLU D 184 -16.22 27.14 -2.55
N LEU D 185 -15.62 26.81 -1.41
CA LEU D 185 -16.38 26.29 -0.28
C LEU D 185 -17.31 27.35 0.31
N ALA D 186 -16.90 28.63 0.25
CA ALA D 186 -17.76 29.72 0.69
C ALA D 186 -18.71 30.19 -0.42
N ARG D 187 -18.33 30.00 -1.69
CA ARG D 187 -19.29 30.12 -2.78
C ARG D 187 -20.45 29.15 -2.61
N ILE D 188 -20.24 28.05 -1.89
CA ILE D 188 -21.29 27.09 -1.55
C ILE D 188 -21.94 27.42 -0.22
N ALA D 189 -21.14 27.79 0.79
CA ALA D 189 -21.70 28.20 2.08
C ALA D 189 -22.71 29.32 1.89
N LYS D 190 -22.38 30.30 1.04
CA LYS D 190 -23.31 31.36 0.71
C LYS D 190 -24.58 30.80 0.08
N ALA D 191 -24.44 29.92 -0.90
CA ALA D 191 -25.62 29.41 -1.60
C ALA D 191 -26.42 28.42 -0.78
N ALA D 192 -25.97 28.08 0.43
CA ALA D 192 -26.62 27.07 1.26
C ALA D 192 -27.65 27.67 2.21
N THR D 193 -27.30 28.77 2.87
CA THR D 193 -28.32 29.55 3.57
C THR D 193 -29.25 30.23 2.59
N PHE D 194 -28.72 30.58 1.42
CA PHE D 194 -29.44 31.31 0.38
C PHE D 194 -30.76 30.65 0.01
N ALA D 195 -30.74 29.35 -0.24
CA ALA D 195 -31.94 28.65 -0.64
C ALA D 195 -32.68 28.04 0.54
N ALA D 196 -32.05 27.96 1.71
CA ALA D 196 -32.71 27.37 2.87
C ALA D 196 -33.88 28.22 3.35
N SER D 197 -33.84 29.51 3.05
CA SER D 197 -34.90 30.39 3.51
C SER D 197 -36.18 30.26 2.67
N LEU D 198 -36.07 29.71 1.45
CA LEU D 198 -37.14 29.82 0.47
C LEU D 198 -38.13 28.66 0.50
N GLY D 199 -37.93 27.69 1.39
CA GLY D 199 -38.64 26.44 1.32
C GLY D 199 -37.87 25.37 0.60
N LEU D 200 -36.68 25.69 0.12
CA LEU D 200 -35.77 24.73 -0.51
C LEU D 200 -34.90 24.05 0.53
N LYS D 201 -34.66 22.76 0.33
CA LYS D 201 -33.78 21.98 1.17
C LYS D 201 -32.51 21.65 0.38
N VAL D 202 -31.39 21.49 1.09
CA VAL D 202 -30.05 21.61 0.49
C VAL D 202 -29.33 20.26 0.48
N ASN D 203 -28.99 19.82 -0.73
CA ASN D 203 -28.21 18.63 -1.04
C ASN D 203 -26.95 19.07 -1.79
N ALA D 204 -26.02 18.12 -1.96
CA ALA D 204 -24.81 18.34 -2.74
C ALA D 204 -24.13 17.00 -2.91
N GLY D 205 -23.07 16.98 -3.69
CA GLY D 205 -22.19 15.84 -3.55
C GLY D 205 -21.52 15.25 -4.77
N HIS D 206 -21.65 15.87 -5.93
CA HIS D 206 -20.97 15.34 -7.10
C HIS D 206 -19.51 15.79 -7.07
N GLY D 207 -18.59 14.84 -6.92
CA GLY D 207 -17.17 15.13 -6.91
C GLY D 207 -16.49 15.03 -5.56
N LEU D 208 -17.25 14.85 -4.48
CA LEU D 208 -16.68 14.80 -3.14
C LEU D 208 -15.82 13.56 -2.94
N THR D 209 -14.76 13.72 -2.16
CA THR D 209 -13.79 12.70 -1.84
C THR D 209 -13.82 12.44 -0.33
N TYR D 210 -12.78 11.81 0.18
CA TYR D 210 -12.70 11.54 1.60
C TYR D 210 -12.01 12.67 2.36
N ARG D 211 -11.59 13.72 1.67
CA ARG D 211 -11.05 14.90 2.33
C ARG D 211 -11.88 16.14 2.08
N ASN D 212 -12.48 16.27 0.90
CA ASN D 212 -13.55 17.25 0.72
C ASN D 212 -14.59 17.09 1.81
N VAL D 213 -15.15 15.89 1.89
CA VAL D 213 -16.46 15.62 2.45
C VAL D 213 -16.71 16.20 3.84
N LYS D 214 -15.65 16.50 4.60
CA LYS D 214 -15.88 17.03 5.94
C LYS D 214 -16.42 18.46 5.89
N ALA D 215 -15.71 19.35 5.18
CA ALA D 215 -16.13 20.73 4.90
C ALA D 215 -17.60 20.83 4.54
N ILE D 216 -17.97 20.29 3.39
CA ILE D 216 -19.37 20.27 2.96
C ILE D 216 -20.28 19.69 4.02
N ALA D 217 -19.78 18.77 4.85
CA ALA D 217 -20.64 18.16 5.84
C ALA D 217 -21.00 19.10 6.98
N ALA D 218 -20.29 20.22 7.10
CA ALA D 218 -20.47 21.14 8.22
C ALA D 218 -21.44 22.27 7.94
N ILE D 219 -21.86 22.46 6.69
CA ILE D 219 -22.90 23.43 6.37
C ILE D 219 -24.23 22.93 6.92
N PRO D 220 -24.79 23.57 7.97
CA PRO D 220 -25.95 22.97 8.65
C PRO D 220 -27.19 22.92 7.81
N GLU D 221 -27.26 23.74 6.75
CA GLU D 221 -28.41 23.68 5.88
C GLU D 221 -28.43 22.39 5.06
N MET D 222 -27.25 21.80 4.79
CA MET D 222 -27.16 20.57 4.00
C MET D 222 -27.99 19.44 4.60
N HIS D 223 -28.83 18.82 3.77
CA HIS D 223 -29.62 17.69 4.23
C HIS D 223 -28.98 16.35 3.89
N GLU D 224 -28.41 16.21 2.70
CA GLU D 224 -27.92 14.91 2.30
C GLU D 224 -26.87 15.08 1.22
N LEU D 225 -25.81 14.30 1.32
CA LEU D 225 -24.77 14.30 0.30
C LEU D 225 -24.92 13.04 -0.53
N ASN D 226 -24.90 13.20 -1.86
CA ASN D 226 -25.00 12.09 -2.82
C ASN D 226 -23.62 11.83 -3.43
N ILE D 227 -22.90 10.83 -2.90
CA ILE D 227 -21.53 10.57 -3.30
C ILE D 227 -21.47 9.34 -4.18
N GLY D 228 -20.69 9.43 -5.25
CA GLY D 228 -20.56 8.32 -6.18
C GLY D 228 -19.18 7.73 -6.25
N HIS D 229 -18.35 8.25 -7.17
CA HIS D 229 -17.12 7.54 -7.52
C HIS D 229 -16.25 7.29 -6.31
N ALA D 230 -16.05 8.31 -5.46
CA ALA D 230 -15.06 8.19 -4.40
C ALA D 230 -15.30 6.95 -3.55
N ILE D 231 -16.56 6.61 -3.30
CA ILE D 231 -16.83 5.48 -2.43
C ILE D 231 -16.50 4.16 -3.12
N ILE D 232 -16.94 4.00 -4.38
CA ILE D 232 -16.52 2.85 -5.18
C ILE D 232 -15.01 2.71 -5.16
N GLY D 233 -14.33 3.78 -5.57
CA GLY D 233 -12.89 3.87 -5.53
C GLY D 233 -12.32 3.20 -4.32
N ARG D 234 -12.73 3.61 -3.13
CA ARG D 234 -12.10 3.02 -1.95
C ARG D 234 -12.61 1.60 -1.70
N ALA D 235 -13.83 1.28 -2.10
CA ALA D 235 -14.35 -0.05 -1.78
C ALA D 235 -13.57 -1.18 -2.47
N VAL D 236 -12.98 -0.91 -3.63
CA VAL D 236 -12.11 -1.87 -4.30
C VAL D 236 -10.95 -2.30 -3.41
N LEU D 237 -10.60 -1.50 -2.44
CA LEU D 237 -9.49 -1.88 -1.59
C LEU D 237 -9.92 -2.26 -0.19
N THR D 238 -11.13 -1.96 0.22
CA THR D 238 -11.46 -2.12 1.62
C THR D 238 -12.73 -2.91 1.89
N GLY D 239 -13.55 -3.15 0.89
CA GLY D 239 -14.91 -3.58 1.15
C GLY D 239 -15.81 -2.39 0.99
N LEU D 240 -16.95 -2.57 0.33
CA LEU D 240 -17.94 -1.52 0.23
C LEU D 240 -18.56 -1.20 1.59
N LYS D 241 -18.68 -2.19 2.49
CA LYS D 241 -19.16 -1.89 3.83
C LYS D 241 -18.25 -0.89 4.52
N VAL D 242 -16.95 -1.12 4.44
CA VAL D 242 -16.02 -0.22 5.11
C VAL D 242 -15.98 1.13 4.41
N ALA D 243 -15.97 1.14 3.09
CA ALA D 243 -15.87 2.41 2.37
C ALA D 243 -17.08 3.29 2.63
N VAL D 244 -18.24 2.68 2.93
CA VAL D 244 -19.42 3.46 3.22
C VAL D 244 -19.40 3.93 4.65
N ALA D 245 -19.13 3.02 5.59
CA ALA D 245 -19.04 3.42 6.98
C ALA D 245 -17.94 4.45 7.23
N GLU D 246 -16.87 4.44 6.44
CA GLU D 246 -15.83 5.45 6.62
C GLU D 246 -16.33 6.83 6.18
N MET D 247 -16.94 6.91 4.99
CA MET D 247 -17.52 8.17 4.54
C MET D 247 -18.58 8.68 5.50
N LYS D 248 -19.44 7.79 5.99
CA LYS D 248 -20.50 8.20 6.89
C LYS D 248 -19.94 8.70 8.21
N ARG D 249 -18.86 8.08 8.67
CA ARG D 249 -18.29 8.49 9.93
C ARG D 249 -17.57 9.82 9.83
N LEU D 250 -17.19 10.24 8.62
CA LEU D 250 -16.60 11.57 8.48
C LEU D 250 -17.65 12.65 8.64
N MET D 251 -18.85 12.43 8.10
CA MET D 251 -19.94 13.39 8.21
C MET D 251 -20.39 13.55 9.65
N LEU D 252 -20.76 12.43 10.30
CA LEU D 252 -21.17 12.43 11.69
C LEU D 252 -20.17 13.12 12.60
N GLU D 253 -18.91 13.18 12.20
CA GLU D 253 -17.88 13.86 12.97
C GLU D 253 -17.66 15.28 12.52
N ALA D 254 -18.26 15.70 11.41
CA ALA D 254 -18.31 17.11 11.06
C ALA D 254 -19.53 17.81 11.63
N ARG D 255 -20.54 17.07 12.07
CA ARG D 255 -21.68 17.58 12.84
C ARG D 255 -21.67 17.01 14.25
N GLY D 256 -20.51 16.98 14.91
CA GLY D 256 -20.37 16.35 16.21
C GLY D 256 -18.95 16.27 16.73
#